data_1TUY
#
_entry.id   1TUY
#
_cell.length_a   180.043
_cell.length_b   67.196
_cell.length_c   82.142
_cell.angle_alpha   90.00
_cell.angle_beta   103.13
_cell.angle_gamma   90.00
#
_symmetry.space_group_name_H-M   'C 1 2 1'
#
loop_
_entity.id
_entity.type
_entity.pdbx_description
1 polymer 'Acetate kinase'
2 non-polymer 'SULFATE ION'
3 non-polymer "ADENOSINE-5'-DIPHOSPHATE"
4 non-polymer 'ALUMINUM FLUORIDE'
5 non-polymer 'ACETIC ACID'
6 water water
#
_entity_poly.entity_id   1
_entity_poly.type   'polypeptide(L)'
_entity_poly.pdbx_seq_one_letter_code
;MKVLVINAGSSSLKYQLIDMTNESALAVGLCERIGIDNSIITQKKFDGKKLEKLTDLPTHKDALEEVVKALTDDEFGVIK
DMGEINAVGHRVVHGGEKFTTSALYDEGVEKAIKDCFELAPLHNPPNMMGISACAEIMPGTPMVIVFDTAFHQTMPPYAY
MYALPYDLYEKHGVRKYGFHGTSHKYVAERAALMLGKPAEETKIITCHLGNGSSITAVEGGKSVETSMGFTPLEGLAMGT
RCGSIDPAIVPFLMEKEGLTTREIDTLMNKKSGVLGVSGLSNDFRDLDEAASKGNRKAELALEIFAYKVKKFIGEYSAVL
NGADAVVFTAGIGENSASIRKRILTGLDGIGIKIDDEKNKIRGQEIDISTPDAKVRVFVIPTNEELAIARETKEIVETE
;
_entity_poly.pdbx_strand_id   A,B
#
loop_
_chem_comp.id
_chem_comp.type
_chem_comp.name
_chem_comp.formula
ACY non-polymer 'ACETIC ACID' 'C2 H4 O2'
ADP non-polymer ADENOSINE-5'-DIPHOSPHATE 'C10 H15 N5 O10 P2'
AF3 non-polymer 'ALUMINUM FLUORIDE' 'Al F3'
SO4 non-polymer 'SULFATE ION' 'O4 S -2'
#
# COMPACT_ATOMS: atom_id res chain seq x y z
N MET A 1 -10.59 14.12 41.82
CA MET A 1 -11.54 13.38 40.92
C MET A 1 -10.99 12.03 40.48
N LYS A 2 -11.87 11.03 40.44
CA LYS A 2 -11.47 9.70 40.03
C LYS A 2 -12.25 9.35 38.75
N VAL A 3 -11.50 9.05 37.69
CA VAL A 3 -12.10 8.71 36.41
C VAL A 3 -12.04 7.22 36.09
N LEU A 4 -13.09 6.68 35.48
CA LEU A 4 -13.14 5.28 35.10
C LEU A 4 -13.11 5.18 33.57
N VAL A 5 -12.02 4.67 33.03
CA VAL A 5 -11.87 4.52 31.59
C VAL A 5 -12.36 3.15 31.14
N ILE A 6 -13.22 3.13 30.12
CA ILE A 6 -13.77 1.87 29.60
C ILE A 6 -13.27 1.61 28.17
N ASN A 7 -12.99 0.34 27.90
CA ASN A 7 -12.53 -0.11 26.58
C ASN A 7 -13.30 -1.40 26.33
N ALA A 8 -14.48 -1.28 25.72
CA ALA A 8 -15.34 -2.42 25.43
C ALA A 8 -15.12 -3.05 24.07
N GLY A 9 -15.19 -4.38 24.01
CA GLY A 9 -15.03 -5.09 22.76
C GLY A 9 -16.25 -5.97 22.60
N SER A 10 -16.24 -6.87 21.62
CA SER A 10 -17.39 -7.74 21.41
C SER A 10 -17.74 -8.72 22.54
N SER A 11 -16.78 -9.00 23.41
CA SER A 11 -17.01 -9.90 24.52
C SER A 11 -16.12 -9.59 25.73
N SER A 12 -15.42 -8.46 25.67
CA SER A 12 -14.53 -8.03 26.74
C SER A 12 -14.76 -6.58 27.15
N LEU A 13 -14.21 -6.20 28.30
CA LEU A 13 -14.36 -4.84 28.79
C LEU A 13 -13.22 -4.41 29.71
N LYS A 14 -12.22 -3.75 29.13
CA LYS A 14 -11.08 -3.27 29.91
C LYS A 14 -11.40 -1.99 30.65
N TYR A 15 -11.31 -2.03 31.97
CA TYR A 15 -11.60 -0.85 32.76
C TYR A 15 -10.40 -0.43 33.57
N GLN A 16 -10.39 0.81 34.04
CA GLN A 16 -9.28 1.29 34.83
C GLN A 16 -9.69 2.54 35.60
N LEU A 17 -9.71 2.43 36.92
CA LEU A 17 -10.07 3.54 37.79
C LEU A 17 -8.82 4.36 38.12
N ILE A 18 -8.76 5.58 37.60
CA ILE A 18 -7.63 6.44 37.84
C ILE A 18 -8.01 7.63 38.73
N ASP A 19 -7.12 7.94 39.67
CA ASP A 19 -7.30 9.06 40.60
C ASP A 19 -6.53 10.21 40.01
N MET A 20 -7.25 11.09 39.34
CA MET A 20 -6.69 12.26 38.69
C MET A 20 -5.93 13.21 39.59
N THR A 21 -6.22 13.16 40.88
CA THR A 21 -5.57 14.03 41.85
C THR A 21 -4.06 13.99 41.66
N ASN A 22 -3.47 12.83 41.93
CA ASN A 22 -2.04 12.62 41.80
C ASN A 22 -1.78 11.83 40.54
N GLU A 23 -2.85 11.57 39.78
CA GLU A 23 -2.76 10.83 38.54
C GLU A 23 -2.21 9.43 38.73
N SER A 24 -2.72 8.75 39.75
CA SER A 24 -2.27 7.40 40.06
C SER A 24 -3.35 6.38 39.74
N ALA A 25 -2.99 5.34 39.01
CA ALA A 25 -3.93 4.29 38.65
C ALA A 25 -4.18 3.41 39.88
N LEU A 26 -5.43 3.41 40.34
CA LEU A 26 -5.84 2.65 41.51
C LEU A 26 -6.05 1.18 41.20
N ALA A 27 -6.82 0.91 40.15
CA ALA A 27 -7.10 -0.47 39.79
C ALA A 27 -7.25 -0.64 38.29
N VAL A 28 -6.88 -1.82 37.82
CA VAL A 28 -6.96 -2.16 36.42
C VAL A 28 -7.65 -3.52 36.33
N GLY A 29 -8.69 -3.60 35.52
CA GLY A 29 -9.41 -4.85 35.38
C GLY A 29 -9.54 -5.32 33.94
N LEU A 30 -10.42 -6.30 33.73
CA LEU A 30 -10.67 -6.88 32.42
C LEU A 30 -11.75 -7.95 32.52
N CYS A 31 -12.86 -7.75 31.81
CA CYS A 31 -13.94 -8.72 31.79
C CYS A 31 -13.79 -9.50 30.46
N GLU A 32 -13.99 -10.82 30.50
CA GLU A 32 -13.86 -11.64 29.29
C GLU A 32 -15.01 -12.61 29.16
N ARG A 33 -15.14 -13.19 27.97
CA ARG A 33 -16.19 -14.15 27.65
C ARG A 33 -17.58 -13.58 27.90
N ILE A 34 -17.74 -12.27 27.74
CA ILE A 34 -19.05 -11.65 27.94
C ILE A 34 -19.98 -12.21 26.87
N GLY A 35 -21.09 -12.81 27.29
CA GLY A 35 -22.04 -13.36 26.36
C GLY A 35 -21.72 -14.79 25.96
N ILE A 36 -20.50 -15.22 26.23
CA ILE A 36 -20.07 -16.57 25.91
C ILE A 36 -20.10 -17.41 27.18
N ASP A 37 -19.43 -18.56 27.14
CA ASP A 37 -19.37 -19.48 28.30
C ASP A 37 -18.15 -19.13 29.16
N ASN A 38 -18.22 -19.47 30.44
CA ASN A 38 -17.12 -19.22 31.37
C ASN A 38 -16.70 -17.76 31.45
N SER A 39 -17.69 -16.87 31.51
CA SER A 39 -17.45 -15.44 31.61
C SER A 39 -16.56 -15.23 32.82
N ILE A 40 -15.74 -14.18 32.77
CA ILE A 40 -14.82 -13.95 33.87
C ILE A 40 -14.33 -12.52 33.96
N ILE A 41 -14.24 -12.02 35.19
CA ILE A 41 -13.74 -10.68 35.44
C ILE A 41 -12.46 -10.81 36.26
N THR A 42 -11.49 -9.94 35.97
CA THR A 42 -10.21 -9.94 36.66
C THR A 42 -9.86 -8.51 37.09
N GLN A 43 -9.19 -8.36 38.23
CA GLN A 43 -8.79 -7.04 38.69
C GLN A 43 -7.45 -7.11 39.42
N LYS A 44 -6.63 -6.07 39.21
CA LYS A 44 -5.33 -5.96 39.84
C LYS A 44 -5.29 -4.57 40.46
N LYS A 45 -4.98 -4.54 41.76
CA LYS A 45 -4.91 -3.30 42.54
C LYS A 45 -3.49 -2.75 42.47
N PHE A 46 -3.30 -1.50 42.91
CA PHE A 46 -1.97 -0.90 42.83
C PHE A 46 -0.91 -1.56 43.70
N ASP A 47 -1.34 -2.39 44.66
CA ASP A 47 -0.43 -3.08 45.56
C ASP A 47 -0.19 -4.53 45.18
N GLY A 48 -0.70 -4.93 44.02
CA GLY A 48 -0.49 -6.30 43.56
C GLY A 48 -1.59 -7.31 43.83
N LYS A 49 -2.62 -6.90 44.58
CA LYS A 49 -3.73 -7.80 44.90
C LYS A 49 -4.59 -8.12 43.67
N LYS A 50 -4.69 -9.41 43.34
CA LYS A 50 -5.47 -9.84 42.19
C LYS A 50 -6.73 -10.57 42.56
N LEU A 51 -7.84 -10.14 41.99
CA LEU A 51 -9.11 -10.78 42.26
C LEU A 51 -9.59 -11.44 40.99
N GLU A 52 -10.36 -12.50 41.13
CA GLU A 52 -10.90 -13.21 39.98
C GLU A 52 -12.28 -13.69 40.36
N LYS A 53 -13.26 -13.41 39.53
CA LYS A 53 -14.59 -13.88 39.85
C LYS A 53 -15.12 -14.61 38.64
N LEU A 54 -15.56 -15.85 38.86
CA LEU A 54 -16.13 -16.66 37.80
C LEU A 54 -17.65 -16.64 37.95
N THR A 55 -18.29 -15.78 37.17
CA THR A 55 -19.74 -15.66 37.19
C THR A 55 -20.21 -15.37 35.76
N ASP A 56 -21.45 -15.69 35.45
CA ASP A 56 -21.99 -15.45 34.10
C ASP A 56 -22.15 -13.97 33.78
N LEU A 57 -21.67 -13.56 32.61
CA LEU A 57 -21.77 -12.17 32.16
C LEU A 57 -22.45 -12.09 30.79
N PRO A 58 -23.78 -12.30 30.73
CA PRO A 58 -24.57 -12.26 29.49
C PRO A 58 -24.38 -11.01 28.63
N THR A 59 -24.47 -9.84 29.27
CA THR A 59 -24.32 -8.56 28.58
C THR A 59 -23.22 -7.71 29.23
N HIS A 60 -22.84 -6.62 28.56
CA HIS A 60 -21.84 -5.72 29.10
C HIS A 60 -22.40 -5.06 30.35
N LYS A 61 -23.72 -4.96 30.42
CA LYS A 61 -24.37 -4.35 31.57
C LYS A 61 -23.96 -5.14 32.79
N ASP A 62 -24.05 -6.46 32.68
CA ASP A 62 -23.70 -7.31 33.80
C ASP A 62 -22.23 -7.10 34.13
N ALA A 63 -21.37 -7.24 33.12
CA ALA A 63 -19.94 -7.09 33.34
C ALA A 63 -19.61 -5.80 34.07
N LEU A 64 -20.28 -4.71 33.69
CA LEU A 64 -20.03 -3.42 34.33
C LEU A 64 -20.51 -3.40 35.77
N GLU A 65 -21.57 -4.14 36.07
CA GLU A 65 -22.07 -4.16 37.43
C GLU A 65 -21.01 -4.83 38.30
N GLU A 66 -20.45 -5.92 37.76
CA GLU A 66 -19.41 -6.69 38.43
C GLU A 66 -18.14 -5.86 38.58
N VAL A 67 -17.95 -4.88 37.69
CA VAL A 67 -16.78 -3.99 37.75
C VAL A 67 -16.93 -3.13 38.98
N VAL A 68 -18.14 -2.63 39.22
CA VAL A 68 -18.42 -1.80 40.38
C VAL A 68 -18.15 -2.61 41.64
N LYS A 69 -18.61 -3.86 41.63
CA LYS A 69 -18.38 -4.71 42.77
C LYS A 69 -16.89 -4.94 42.94
N ALA A 70 -16.21 -5.34 41.87
CA ALA A 70 -14.78 -5.60 41.92
C ALA A 70 -14.01 -4.39 42.41
N LEU A 71 -14.52 -3.20 42.07
CA LEU A 71 -13.85 -1.97 42.47
C LEU A 71 -14.13 -1.57 43.90
N THR A 72 -15.22 -2.04 44.46
CA THR A 72 -15.55 -1.69 45.83
C THR A 72 -15.32 -2.83 46.80
N ASP A 73 -14.57 -3.85 46.39
CA ASP A 73 -14.30 -4.99 47.26
C ASP A 73 -13.67 -4.47 48.54
N ASP A 74 -14.07 -5.05 49.65
CA ASP A 74 -13.61 -4.66 50.97
C ASP A 74 -12.09 -4.58 51.11
N GLU A 75 -11.41 -5.66 50.73
CA GLU A 75 -9.96 -5.71 50.84
C GLU A 75 -9.26 -5.55 49.51
N PHE A 76 -9.80 -6.18 48.46
CA PHE A 76 -9.19 -6.11 47.14
C PHE A 76 -9.70 -4.97 46.27
N GLY A 77 -10.46 -4.07 46.86
CA GLY A 77 -11.00 -2.94 46.14
C GLY A 77 -10.20 -1.64 46.29
N VAL A 78 -10.84 -0.52 45.99
CA VAL A 78 -10.19 0.78 46.05
C VAL A 78 -11.14 1.91 46.40
N ILE A 79 -12.45 1.63 46.31
CA ILE A 79 -13.45 2.63 46.64
C ILE A 79 -14.52 2.00 47.51
N LYS A 80 -15.11 2.82 48.37
CA LYS A 80 -16.13 2.36 49.29
C LYS A 80 -17.48 2.16 48.60
N ASP A 81 -17.78 2.99 47.61
CA ASP A 81 -19.03 2.90 46.84
C ASP A 81 -18.98 3.54 45.46
N MET A 82 -19.91 3.13 44.61
CA MET A 82 -19.98 3.63 43.24
C MET A 82 -19.90 5.15 43.15
N GLY A 83 -20.43 5.83 44.15
CA GLY A 83 -20.41 7.28 44.16
C GLY A 83 -19.03 7.91 43.99
N GLU A 84 -17.97 7.22 44.41
CA GLU A 84 -16.62 7.77 44.30
C GLU A 84 -16.13 7.81 42.87
N ILE A 85 -16.91 7.24 41.96
CA ILE A 85 -16.55 7.30 40.55
C ILE A 85 -17.16 8.59 40.03
N ASN A 86 -16.33 9.63 39.94
CA ASN A 86 -16.75 10.95 39.49
C ASN A 86 -17.13 11.07 38.02
N ALA A 87 -16.49 10.28 37.16
CA ALA A 87 -16.79 10.37 35.75
C ALA A 87 -16.27 9.14 35.01
N VAL A 88 -16.78 8.91 33.81
CA VAL A 88 -16.38 7.77 32.99
C VAL A 88 -15.85 8.21 31.64
N GLY A 89 -14.66 7.76 31.25
CA GLY A 89 -14.13 8.13 29.96
C GLY A 89 -14.26 6.92 29.06
N HIS A 90 -14.98 7.05 27.95
CA HIS A 90 -15.20 5.96 27.00
C HIS A 90 -14.39 6.13 25.73
N ARG A 91 -13.93 5.00 25.19
CA ARG A 91 -13.14 5.02 23.95
C ARG A 91 -14.06 4.77 22.76
N VAL A 92 -13.90 5.53 21.68
CA VAL A 92 -14.70 5.30 20.50
C VAL A 92 -13.80 5.51 19.30
N VAL A 93 -13.78 4.50 18.42
CA VAL A 93 -12.93 4.52 17.24
C VAL A 93 -13.32 5.51 16.17
N HIS A 94 -14.59 5.51 15.78
CA HIS A 94 -15.02 6.42 14.72
C HIS A 94 -16.14 7.30 15.20
N GLY A 95 -15.98 8.59 14.96
CA GLY A 95 -16.99 9.55 15.35
C GLY A 95 -17.53 10.26 14.13
N GLY A 96 -16.94 10.00 12.97
CA GLY A 96 -17.39 10.67 11.75
C GLY A 96 -16.68 12.00 11.65
N GLU A 97 -16.89 12.74 10.56
CA GLU A 97 -16.24 14.04 10.40
C GLU A 97 -17.07 15.08 11.17
N LYS A 98 -18.15 14.59 11.77
CA LYS A 98 -19.07 15.41 12.57
C LYS A 98 -18.62 15.45 14.04
N PHE A 99 -17.63 14.63 14.37
CA PHE A 99 -17.09 14.55 15.73
C PHE A 99 -15.65 14.07 15.67
N THR A 100 -14.73 15.02 15.63
CA THR A 100 -13.33 14.68 15.54
C THR A 100 -12.63 15.25 16.73
N THR A 101 -13.31 15.32 17.86
CA THR A 101 -12.71 15.82 19.07
C THR A 101 -13.51 15.43 20.30
N SER A 102 -12.79 15.04 21.35
CA SER A 102 -13.39 14.61 22.61
C SER A 102 -14.56 15.48 23.04
N ALA A 103 -15.59 14.85 23.62
CA ALA A 103 -16.75 15.60 24.02
C ALA A 103 -17.65 14.90 25.02
N LEU A 104 -18.40 15.70 25.78
CA LEU A 104 -19.33 15.20 26.78
C LEU A 104 -20.44 14.42 26.06
N TYR A 105 -20.91 13.35 26.68
CA TYR A 105 -21.93 12.51 26.06
C TYR A 105 -23.37 13.09 26.10
N ASP A 106 -24.07 13.03 24.96
CA ASP A 106 -25.45 13.50 24.83
C ASP A 106 -26.09 12.74 23.67
N GLU A 107 -27.39 12.94 23.44
CA GLU A 107 -28.09 12.24 22.36
C GLU A 107 -27.51 12.50 20.97
N GLY A 108 -26.84 13.63 20.80
CA GLY A 108 -26.27 13.94 19.51
C GLY A 108 -25.06 13.09 19.22
N VAL A 109 -24.20 13.01 20.22
CA VAL A 109 -22.98 12.22 20.13
C VAL A 109 -23.36 10.76 19.91
N GLU A 110 -24.41 10.34 20.61
CA GLU A 110 -24.86 8.96 20.51
C GLU A 110 -25.33 8.65 19.11
N LYS A 111 -25.98 9.62 18.49
CA LYS A 111 -26.49 9.45 17.14
C LYS A 111 -25.34 9.25 16.18
N ALA A 112 -24.34 10.12 16.28
CA ALA A 112 -23.15 10.09 15.44
C ALA A 112 -22.39 8.77 15.51
N ILE A 113 -22.25 8.25 16.72
CA ILE A 113 -21.55 6.99 16.93
C ILE A 113 -22.30 5.83 16.29
N LYS A 114 -23.62 5.83 16.50
CA LYS A 114 -24.48 4.80 15.94
C LYS A 114 -24.44 4.81 14.39
N ASP A 115 -24.25 5.98 13.79
CA ASP A 115 -24.20 6.12 12.34
C ASP A 115 -22.84 5.76 11.76
N CYS A 116 -21.80 5.85 12.54
CA CYS A 116 -20.49 5.51 12.03
C CYS A 116 -20.18 4.01 12.16
N PHE A 117 -21.18 3.23 12.58
CA PHE A 117 -21.03 1.78 12.73
C PHE A 117 -20.45 1.11 11.49
N GLU A 118 -20.93 1.52 10.31
CA GLU A 118 -20.47 0.97 9.04
C GLU A 118 -19.06 1.39 8.68
N LEU A 119 -18.53 2.35 9.43
CA LEU A 119 -17.17 2.84 9.19
C LEU A 119 -16.22 2.18 10.17
N ALA A 120 -16.78 1.46 11.14
CA ALA A 120 -15.95 0.82 12.14
C ALA A 120 -16.72 -0.36 12.70
N PRO A 121 -17.13 -1.28 11.82
CA PRO A 121 -17.89 -2.47 12.23
C PRO A 121 -17.30 -3.30 13.37
N LEU A 122 -15.97 -3.37 13.49
CA LEU A 122 -15.39 -4.18 14.57
C LEU A 122 -15.35 -3.43 15.90
N HIS A 123 -15.36 -2.11 15.85
CA HIS A 123 -15.24 -1.35 17.09
C HIS A 123 -16.46 -0.55 17.60
N ASN A 124 -16.93 0.43 16.83
CA ASN A 124 -18.05 1.24 17.26
C ASN A 124 -19.19 0.46 17.88
N PRO A 125 -19.64 -0.60 17.21
CA PRO A 125 -20.74 -1.33 17.84
C PRO A 125 -20.44 -1.74 19.29
N PRO A 126 -19.31 -2.42 19.52
CA PRO A 126 -18.97 -2.83 20.89
C PRO A 126 -18.71 -1.64 21.83
N ASN A 127 -18.15 -0.55 21.31
CA ASN A 127 -17.90 0.64 22.14
C ASN A 127 -19.21 1.22 22.64
N MET A 128 -20.23 1.16 21.78
CA MET A 128 -21.56 1.66 22.12
C MET A 128 -22.13 0.80 23.25
N MET A 129 -21.91 -0.51 23.20
CA MET A 129 -22.42 -1.44 24.23
C MET A 129 -21.86 -1.04 25.60
N GLY A 130 -20.65 -0.48 25.61
CA GLY A 130 -20.05 -0.05 26.85
C GLY A 130 -20.78 1.18 27.37
N ILE A 131 -20.91 2.21 26.53
CA ILE A 131 -21.60 3.43 26.91
C ILE A 131 -22.99 3.11 27.44
N SER A 132 -23.60 2.09 26.85
CA SER A 132 -24.93 1.67 27.23
C SER A 132 -24.98 1.04 28.61
N ALA A 133 -24.11 0.07 28.82
CA ALA A 133 -24.03 -0.64 30.09
C ALA A 133 -23.76 0.40 31.14
N CYS A 134 -22.91 1.35 30.76
CA CYS A 134 -22.54 2.40 31.67
C CYS A 134 -23.71 3.29 32.07
N ALA A 135 -24.64 3.55 31.15
CA ALA A 135 -25.81 4.39 31.44
C ALA A 135 -26.85 3.67 32.29
N GLU A 136 -26.75 2.35 32.35
CA GLU A 136 -27.68 1.54 33.12
C GLU A 136 -27.25 1.27 34.56
N ILE A 137 -25.95 1.31 34.82
CA ILE A 137 -25.44 1.06 36.15
C ILE A 137 -25.23 2.38 36.91
N MET A 138 -24.66 3.37 36.23
CA MET A 138 -24.38 4.67 36.83
C MET A 138 -24.96 5.83 36.02
N PRO A 139 -26.28 5.87 35.90
CA PRO A 139 -27.06 6.88 35.18
C PRO A 139 -26.74 8.30 35.59
N GLY A 140 -26.38 8.49 36.86
CA GLY A 140 -26.07 9.82 37.33
C GLY A 140 -24.63 10.23 37.12
N THR A 141 -23.82 9.36 36.54
CA THR A 141 -22.42 9.70 36.34
C THR A 141 -22.08 10.30 34.98
N PRO A 142 -21.32 11.41 34.96
CA PRO A 142 -20.92 12.06 33.70
C PRO A 142 -20.10 11.11 32.83
N MET A 143 -20.27 11.21 31.52
CA MET A 143 -19.50 10.38 30.60
C MET A 143 -18.91 11.30 29.50
N VAL A 144 -17.61 11.13 29.23
CA VAL A 144 -16.93 11.89 28.19
C VAL A 144 -16.44 10.87 27.19
N ILE A 145 -16.56 11.19 25.90
CA ILE A 145 -16.11 10.29 24.85
C ILE A 145 -14.87 10.84 24.17
N VAL A 146 -13.90 9.97 23.94
CA VAL A 146 -12.64 10.31 23.27
C VAL A 146 -12.57 9.51 21.97
N PHE A 147 -12.27 10.17 20.86
CA PHE A 147 -12.22 9.48 19.57
C PHE A 147 -10.84 9.12 19.05
N ASP A 148 -10.73 7.95 18.42
CA ASP A 148 -9.48 7.46 17.84
C ASP A 148 -9.02 8.29 16.66
N THR A 149 -9.91 9.08 16.08
CA THR A 149 -9.60 9.91 14.92
C THR A 149 -9.11 11.33 15.19
N ALA A 150 -9.31 11.82 16.42
CA ALA A 150 -8.91 13.18 16.77
C ALA A 150 -7.48 13.58 16.43
N PHE A 151 -6.53 12.77 16.91
CA PHE A 151 -5.10 13.01 16.73
C PHE A 151 -4.60 13.20 15.31
N HIS A 152 -5.29 12.57 14.36
CA HIS A 152 -4.86 12.65 12.97
C HIS A 152 -5.55 13.76 12.21
N GLN A 153 -6.41 14.49 12.90
CA GLN A 153 -7.14 15.58 12.26
C GLN A 153 -6.27 16.63 11.59
N THR A 154 -4.99 16.68 11.96
CA THR A 154 -4.06 17.65 11.39
C THR A 154 -3.39 17.20 10.09
N MET A 155 -3.80 16.06 9.57
CA MET A 155 -3.21 15.58 8.31
C MET A 155 -3.58 16.53 7.20
N PRO A 156 -2.63 16.82 6.31
CA PRO A 156 -2.84 17.72 5.16
C PRO A 156 -3.79 17.12 4.12
N PRO A 157 -4.40 17.98 3.28
CA PRO A 157 -5.32 17.53 2.25
C PRO A 157 -4.74 16.52 1.28
N TYR A 158 -3.47 16.66 0.95
CA TYR A 158 -2.88 15.74 -0.01
C TYR A 158 -2.55 14.41 0.61
N ALA A 159 -2.98 14.21 1.85
CA ALA A 159 -2.76 12.96 2.54
C ALA A 159 -4.08 12.27 2.85
N TYR A 160 -5.08 13.02 3.34
CA TYR A 160 -6.34 12.35 3.66
C TYR A 160 -7.27 12.21 2.50
N MET A 161 -6.85 12.77 1.36
CA MET A 161 -7.65 12.69 0.16
C MET A 161 -7.27 11.42 -0.59
N TYR A 162 -8.26 10.78 -1.18
CA TYR A 162 -8.00 9.56 -1.93
C TYR A 162 -8.05 10.01 -3.37
N ALA A 163 -7.36 9.29 -4.25
CA ALA A 163 -7.43 9.66 -5.65
C ALA A 163 -8.66 8.98 -6.25
N LEU A 164 -9.84 9.51 -5.92
CA LEU A 164 -11.13 9.02 -6.42
C LEU A 164 -11.94 10.21 -6.92
N PRO A 165 -13.11 9.98 -7.53
CA PRO A 165 -13.94 11.10 -8.02
C PRO A 165 -14.20 12.07 -6.87
N TYR A 166 -13.65 13.28 -7.01
CA TYR A 166 -13.78 14.30 -5.98
C TYR A 166 -15.20 14.47 -5.41
N ASP A 167 -16.23 14.31 -6.23
CA ASP A 167 -17.58 14.48 -5.73
C ASP A 167 -17.88 13.47 -4.59
N LEU A 168 -17.15 12.36 -4.56
CA LEU A 168 -17.30 11.34 -3.53
C LEU A 168 -16.81 11.85 -2.18
N TYR A 169 -15.98 12.88 -2.23
CA TYR A 169 -15.45 13.47 -1.02
C TYR A 169 -16.47 14.41 -0.41
N GLU A 170 -17.21 15.09 -1.27
CA GLU A 170 -18.24 16.04 -0.84
C GLU A 170 -19.56 15.28 -0.62
N LYS A 171 -19.77 14.27 -1.44
CA LYS A 171 -21.00 13.52 -1.33
C LYS A 171 -21.08 12.59 -0.13
N HIS A 172 -20.10 11.71 0.07
CA HIS A 172 -20.16 10.79 1.21
C HIS A 172 -19.08 10.99 2.26
N GLY A 173 -18.31 12.07 2.11
CA GLY A 173 -17.25 12.38 3.06
C GLY A 173 -16.12 11.38 3.17
N VAL A 174 -15.70 10.84 2.03
CA VAL A 174 -14.64 9.87 2.00
C VAL A 174 -13.24 10.49 2.01
N ARG A 175 -12.51 10.21 3.08
CA ARG A 175 -11.14 10.68 3.27
C ARG A 175 -10.50 9.81 4.34
N LYS A 176 -9.18 9.88 4.48
CA LYS A 176 -8.48 9.12 5.50
C LYS A 176 -8.74 9.76 6.85
N TYR A 177 -8.94 8.92 7.87
CA TYR A 177 -9.21 9.37 9.22
C TYR A 177 -8.08 8.95 10.17
N GLY A 178 -7.70 7.68 10.10
CA GLY A 178 -6.64 7.18 10.95
C GLY A 178 -7.26 6.81 12.29
N PHE A 179 -6.55 5.98 13.07
CA PHE A 179 -7.09 5.54 14.35
C PHE A 179 -5.99 5.37 15.37
N HIS A 180 -6.32 4.82 16.54
CA HIS A 180 -5.32 4.63 17.57
C HIS A 180 -4.66 5.96 17.94
N GLY A 181 -5.35 7.07 17.72
CA GLY A 181 -4.78 8.38 18.00
C GLY A 181 -4.26 8.61 19.41
N THR A 182 -5.12 8.35 20.39
CA THR A 182 -4.76 8.51 21.77
C THR A 182 -3.42 7.82 22.02
N SER A 183 -3.29 6.60 21.53
CA SER A 183 -2.04 5.84 21.69
C SER A 183 -0.85 6.50 20.98
N HIS A 184 -1.00 6.76 19.69
CA HIS A 184 0.06 7.37 18.88
C HIS A 184 0.57 8.64 19.50
N LYS A 185 -0.35 9.45 19.96
CA LYS A 185 0.00 10.73 20.57
C LYS A 185 0.81 10.55 21.83
N TYR A 186 0.33 9.69 22.73
CA TYR A 186 1.01 9.47 24.00
C TYR A 186 2.48 9.09 23.82
N VAL A 187 2.69 7.93 23.20
CA VAL A 187 4.03 7.41 22.95
C VAL A 187 4.88 8.39 22.15
N ALA A 188 4.24 9.33 21.49
CA ALA A 188 4.95 10.33 20.72
C ALA A 188 5.59 11.32 21.70
N GLU A 189 4.81 11.73 22.70
CA GLU A 189 5.26 12.66 23.73
C GLU A 189 6.44 12.02 24.44
N ARG A 190 6.28 10.76 24.79
CA ARG A 190 7.33 10.01 25.48
C ARG A 190 8.57 9.95 24.60
N ALA A 191 8.41 9.78 23.29
CA ALA A 191 9.56 9.71 22.39
C ALA A 191 10.34 11.03 22.39
N ALA A 192 9.63 12.15 22.55
CA ALA A 192 10.27 13.44 22.58
C ALA A 192 11.13 13.52 23.84
N LEU A 193 10.58 13.06 24.95
CA LEU A 193 11.30 13.07 26.21
C LEU A 193 12.58 12.25 26.18
N MET A 194 12.47 11.05 25.63
CA MET A 194 13.60 10.15 25.52
C MET A 194 14.64 10.77 24.62
N LEU A 195 14.19 11.66 23.74
CA LEU A 195 15.05 12.37 22.82
C LEU A 195 15.58 13.66 23.46
N GLY A 196 14.94 14.07 24.55
CA GLY A 196 15.35 15.28 25.25
C GLY A 196 15.26 16.53 24.40
N LYS A 197 14.28 16.54 23.51
CA LYS A 197 14.07 17.66 22.61
C LYS A 197 12.61 18.06 22.68
N PRO A 198 12.31 19.33 22.38
CA PRO A 198 10.91 19.80 22.41
C PRO A 198 10.15 19.08 21.31
N ALA A 199 8.95 18.62 21.63
CA ALA A 199 8.10 17.91 20.67
C ALA A 199 8.05 18.59 19.31
N GLU A 200 7.86 19.92 19.31
CA GLU A 200 7.79 20.67 18.07
C GLU A 200 9.08 20.55 17.26
N GLU A 201 10.10 19.91 17.81
CA GLU A 201 11.36 19.76 17.09
C GLU A 201 11.72 18.31 16.83
N THR A 202 10.70 17.46 16.74
CA THR A 202 10.96 16.05 16.52
C THR A 202 10.19 15.48 15.34
N LYS A 203 10.67 14.33 14.86
CA LYS A 203 10.06 13.61 13.77
C LYS A 203 10.07 12.15 14.23
N ILE A 204 8.91 11.65 14.62
CA ILE A 204 8.78 10.29 15.15
C ILE A 204 7.94 9.34 14.29
N ILE A 205 8.25 8.05 14.37
CA ILE A 205 7.48 7.03 13.66
C ILE A 205 6.84 6.20 14.76
N THR A 206 5.56 6.43 15.06
CA THR A 206 4.93 5.63 16.10
C THR A 206 4.27 4.41 15.46
N CYS A 207 4.55 3.22 16.01
CA CYS A 207 4.01 1.94 15.53
C CYS A 207 3.13 1.32 16.62
N HIS A 208 1.82 1.27 16.42
CA HIS A 208 0.95 0.64 17.41
C HIS A 208 0.62 -0.77 16.91
N LEU A 209 1.33 -1.78 17.39
CA LEU A 209 1.05 -3.14 16.92
C LEU A 209 0.21 -3.89 17.94
N GLY A 210 -1.02 -4.23 17.57
CA GLY A 210 -1.91 -4.92 18.48
C GLY A 210 -2.92 -5.74 17.71
N ASN A 211 -4.09 -5.99 18.28
CA ASN A 211 -5.10 -6.76 17.58
C ASN A 211 -5.27 -6.01 16.28
N GLY A 212 -5.15 -4.68 16.40
CA GLY A 212 -5.23 -3.80 15.26
C GLY A 212 -3.90 -3.06 15.25
N SER A 213 -3.23 -2.99 14.11
CA SER A 213 -1.96 -2.29 14.05
C SER A 213 -2.06 -1.07 13.16
N SER A 214 -1.28 -0.03 13.48
CA SER A 214 -1.27 1.20 12.70
C SER A 214 0.00 2.01 12.94
N ILE A 215 0.49 2.65 11.89
CA ILE A 215 1.68 3.44 12.05
C ILE A 215 1.35 4.90 11.72
N THR A 216 2.01 5.80 12.43
CA THR A 216 1.75 7.20 12.21
C THR A 216 3.05 7.96 12.05
N ALA A 217 3.03 8.98 11.20
CA ALA A 217 4.21 9.81 11.00
C ALA A 217 3.92 11.09 11.77
N VAL A 218 4.56 11.27 12.92
CA VAL A 218 4.31 12.49 13.69
C VAL A 218 5.45 13.46 13.50
N GLU A 219 5.09 14.67 13.08
CA GLU A 219 6.05 15.72 12.83
C GLU A 219 5.78 16.90 13.76
N GLY A 220 6.71 17.15 14.67
CA GLY A 220 6.53 18.24 15.60
C GLY A 220 5.35 17.96 16.51
N GLY A 221 5.16 16.71 16.89
CA GLY A 221 4.05 16.37 17.75
C GLY A 221 2.71 16.48 17.05
N LYS A 222 2.75 16.57 15.73
CA LYS A 222 1.53 16.66 14.91
C LYS A 222 1.41 15.48 13.96
N SER A 223 0.24 14.83 13.95
CA SER A 223 -0.01 13.71 13.05
C SER A 223 -0.03 14.24 11.64
N VAL A 224 0.89 13.77 10.80
CA VAL A 224 0.96 14.22 9.42
C VAL A 224 0.46 13.13 8.45
N GLU A 225 0.47 11.89 8.90
CA GLU A 225 0.03 10.74 8.08
C GLU A 225 -0.19 9.49 8.95
N THR A 226 -1.13 8.63 8.55
CA THR A 226 -1.36 7.43 9.33
C THR A 226 -1.71 6.31 8.36
N SER A 227 -1.36 5.08 8.75
CA SER A 227 -1.57 3.92 7.90
C SER A 227 -3.03 3.60 7.58
N MET A 228 -3.91 3.73 8.57
CA MET A 228 -5.31 3.44 8.33
C MET A 228 -6.03 4.62 7.65
N GLY A 229 -7.12 4.33 6.95
CA GLY A 229 -7.84 5.39 6.26
C GLY A 229 -9.27 5.64 6.70
N PHE A 230 -10.19 5.58 5.75
CA PHE A 230 -11.60 5.81 6.02
C PHE A 230 -12.06 4.92 7.17
N THR A 231 -11.72 3.64 7.10
CA THR A 231 -12.09 2.67 8.13
C THR A 231 -10.81 2.05 8.74
N PRO A 232 -10.93 1.27 9.82
CA PRO A 232 -9.72 0.67 10.42
C PRO A 232 -9.23 -0.56 9.65
N LEU A 233 -9.39 -0.60 8.32
CA LEU A 233 -8.95 -1.76 7.55
C LEU A 233 -7.73 -1.48 6.70
N GLU A 234 -7.58 -0.21 6.33
CA GLU A 234 -6.46 0.18 5.51
C GLU A 234 -5.16 0.07 6.30
N GLY A 235 -4.06 -0.16 5.57
CA GLY A 235 -2.75 -0.26 6.20
C GLY A 235 -2.07 -1.61 6.27
N LEU A 236 -1.51 -1.88 7.45
CA LEU A 236 -0.79 -3.12 7.72
C LEU A 236 -1.76 -4.29 7.81
N ALA A 237 -1.22 -5.50 7.72
CA ALA A 237 -2.02 -6.71 7.86
C ALA A 237 -2.24 -6.79 9.36
N MET A 238 -3.36 -7.34 9.80
CA MET A 238 -3.64 -7.39 11.23
C MET A 238 -4.03 -8.78 11.73
N GLY A 239 -4.62 -8.88 12.92
CA GLY A 239 -5.03 -10.17 13.42
C GLY A 239 -5.97 -10.84 12.44
N THR A 240 -7.00 -10.11 12.01
CA THR A 240 -7.96 -10.64 11.06
C THR A 240 -8.29 -9.66 9.93
N ARG A 241 -7.47 -8.62 9.78
CA ARG A 241 -7.66 -7.60 8.73
C ARG A 241 -6.59 -7.71 7.65
N CYS A 242 -7.04 -7.74 6.40
CA CYS A 242 -6.17 -7.88 5.22
C CYS A 242 -5.29 -6.66 4.90
N GLY A 243 -5.71 -5.51 5.38
CA GLY A 243 -4.95 -4.29 5.14
C GLY A 243 -5.13 -3.76 3.74
N SER A 244 -4.14 -3.03 3.24
CA SER A 244 -4.27 -2.49 1.89
C SER A 244 -3.92 -3.44 0.76
N ILE A 245 -4.92 -4.22 0.35
CA ILE A 245 -4.75 -5.16 -0.75
C ILE A 245 -5.10 -4.38 -2.03
N ASP A 246 -5.14 -5.08 -3.16
CA ASP A 246 -5.50 -4.46 -4.41
C ASP A 246 -7.02 -4.30 -4.45
N PRO A 247 -7.53 -3.04 -4.46
CA PRO A 247 -8.97 -2.78 -4.49
C PRO A 247 -9.69 -3.65 -5.51
N ALA A 248 -9.04 -3.82 -6.66
CA ALA A 248 -9.62 -4.60 -7.74
C ALA A 248 -9.88 -6.06 -7.36
N ILE A 249 -9.40 -6.47 -6.18
CA ILE A 249 -9.62 -7.83 -5.74
C ILE A 249 -11.07 -7.95 -5.23
N VAL A 250 -11.61 -6.87 -4.70
CA VAL A 250 -12.98 -6.87 -4.19
C VAL A 250 -14.03 -7.25 -5.23
N PRO A 251 -14.06 -6.55 -6.38
CA PRO A 251 -15.05 -6.87 -7.42
C PRO A 251 -14.79 -8.26 -7.99
N PHE A 252 -13.51 -8.59 -8.15
CA PHE A 252 -13.12 -9.89 -8.70
C PHE A 252 -13.67 -11.01 -7.81
N LEU A 253 -13.23 -11.02 -6.56
CA LEU A 253 -13.67 -12.00 -5.59
C LEU A 253 -15.19 -12.07 -5.52
N MET A 254 -15.84 -10.90 -5.54
CA MET A 254 -17.30 -10.84 -5.47
C MET A 254 -17.96 -11.55 -6.65
N GLU A 255 -17.41 -11.36 -7.85
CA GLU A 255 -17.98 -12.01 -9.02
C GLU A 255 -17.59 -13.47 -9.04
N LYS A 256 -16.32 -13.77 -8.74
CA LYS A 256 -15.85 -15.14 -8.76
C LYS A 256 -16.60 -16.05 -7.79
N GLU A 257 -17.15 -15.47 -6.71
CA GLU A 257 -17.89 -16.27 -5.75
C GLU A 257 -19.26 -15.67 -5.41
N GLY A 258 -19.71 -14.75 -6.26
CA GLY A 258 -21.02 -14.13 -6.04
C GLY A 258 -21.23 -13.69 -4.61
N LEU A 259 -20.16 -13.16 -4.03
CA LEU A 259 -20.24 -12.69 -2.66
C LEU A 259 -21.00 -11.38 -2.69
N THR A 260 -21.63 -11.04 -1.58
CA THR A 260 -22.40 -9.81 -1.46
C THR A 260 -21.52 -8.76 -0.80
N THR A 261 -21.84 -7.49 -0.98
CA THR A 261 -21.03 -6.46 -0.37
C THR A 261 -20.88 -6.71 1.10
N ARG A 262 -21.94 -7.19 1.76
CA ARG A 262 -21.84 -7.43 3.19
C ARG A 262 -20.85 -8.54 3.45
N GLU A 263 -20.90 -9.60 2.65
CA GLU A 263 -20.02 -10.73 2.86
C GLU A 263 -18.55 -10.39 2.65
N ILE A 264 -18.23 -9.83 1.48
CA ILE A 264 -16.86 -9.47 1.15
C ILE A 264 -16.25 -8.58 2.22
N ASP A 265 -17.08 -7.73 2.82
CA ASP A 265 -16.63 -6.82 3.86
C ASP A 265 -16.21 -7.64 5.09
N THR A 266 -17.01 -8.65 5.43
CA THR A 266 -16.75 -9.55 6.55
C THR A 266 -15.48 -10.36 6.31
N LEU A 267 -15.24 -10.71 5.07
CA LEU A 267 -14.07 -11.48 4.76
C LEU A 267 -12.81 -10.64 4.95
N MET A 268 -12.89 -9.36 4.57
CA MET A 268 -11.75 -8.45 4.68
C MET A 268 -11.47 -8.02 6.13
N ASN A 269 -12.52 -7.85 6.93
CA ASN A 269 -12.38 -7.42 8.32
C ASN A 269 -12.32 -8.52 9.38
N LYS A 270 -12.74 -9.72 9.02
CA LYS A 270 -12.76 -10.78 10.03
C LYS A 270 -12.02 -12.07 9.70
N LYS A 271 -11.95 -12.41 8.41
CA LYS A 271 -11.32 -13.64 7.96
C LYS A 271 -9.89 -13.44 7.44
N SER A 272 -9.45 -12.20 7.26
CA SER A 272 -8.10 -11.97 6.74
C SER A 272 -7.04 -11.82 7.83
N GLY A 273 -6.03 -10.99 7.55
CA GLY A 273 -4.94 -10.76 8.49
C GLY A 273 -4.06 -11.97 8.66
N VAL A 274 -3.40 -12.11 9.81
CA VAL A 274 -2.56 -13.30 10.01
C VAL A 274 -3.46 -14.49 10.26
N LEU A 275 -4.72 -14.25 10.59
CA LEU A 275 -5.67 -15.32 10.83
C LEU A 275 -5.91 -16.02 9.51
N GLY A 276 -6.14 -15.23 8.47
CA GLY A 276 -6.40 -15.79 7.17
C GLY A 276 -5.24 -16.52 6.53
N VAL A 277 -4.01 -16.10 6.81
CA VAL A 277 -2.85 -16.74 6.21
C VAL A 277 -2.46 -18.01 6.92
N SER A 278 -2.38 -17.91 8.23
CA SER A 278 -2.00 -19.04 9.04
C SER A 278 -3.10 -20.07 9.12
N GLY A 279 -4.34 -19.64 8.96
CA GLY A 279 -5.43 -20.58 9.08
C GLY A 279 -5.40 -21.10 10.50
N LEU A 280 -4.60 -20.48 11.38
CA LEU A 280 -4.49 -20.91 12.78
C LEU A 280 -5.22 -19.99 13.78
N SER A 281 -4.75 -18.76 13.95
CA SER A 281 -5.41 -17.81 14.84
C SER A 281 -4.94 -16.39 14.55
N ASN A 282 -5.53 -15.43 15.25
CA ASN A 282 -5.17 -14.03 15.11
C ASN A 282 -4.25 -13.64 16.27
N ASP A 283 -4.12 -14.52 17.26
CA ASP A 283 -3.24 -14.23 18.38
C ASP A 283 -1.77 -14.35 17.94
N PHE A 284 -1.03 -13.24 18.04
CA PHE A 284 0.38 -13.19 17.63
C PHE A 284 1.31 -14.01 18.50
N ARG A 285 0.87 -14.30 19.71
CA ARG A 285 1.66 -15.11 20.59
C ARG A 285 1.53 -16.56 20.11
N ASP A 286 0.30 -17.03 19.96
CA ASP A 286 0.12 -18.40 19.49
C ASP A 286 0.82 -18.64 18.17
N LEU A 287 0.76 -17.65 17.29
CA LEU A 287 1.40 -17.75 16.00
C LEU A 287 2.89 -17.82 16.15
N ASP A 288 3.41 -17.04 17.09
CA ASP A 288 4.86 -17.02 17.33
C ASP A 288 5.34 -18.38 17.80
N GLU A 289 4.55 -19.03 18.65
CA GLU A 289 4.92 -20.33 19.16
C GLU A 289 4.85 -21.37 18.05
N ALA A 290 3.71 -21.40 17.36
CA ALA A 290 3.47 -22.34 16.27
C ALA A 290 4.57 -22.24 15.22
N ALA A 291 4.91 -21.02 14.85
CA ALA A 291 5.93 -20.79 13.85
C ALA A 291 7.22 -21.52 14.22
N SER A 292 7.78 -21.20 15.38
CA SER A 292 9.01 -21.80 15.86
C SER A 292 8.95 -23.33 15.94
N LYS A 293 7.75 -23.87 16.12
CA LYS A 293 7.56 -25.31 16.21
C LYS A 293 7.35 -25.97 14.84
N GLY A 294 7.55 -25.22 13.75
CA GLY A 294 7.41 -25.83 12.46
C GLY A 294 6.15 -25.59 11.65
N ASN A 295 5.39 -24.58 12.02
CA ASN A 295 4.17 -24.26 11.29
C ASN A 295 4.40 -23.18 10.25
N ARG A 296 4.51 -23.60 8.98
CA ARG A 296 4.75 -22.67 7.89
C ARG A 296 3.69 -21.58 7.72
N LYS A 297 2.42 -21.96 7.72
CA LYS A 297 1.34 -20.98 7.60
C LYS A 297 1.51 -19.87 8.62
N ALA A 298 1.80 -20.26 9.86
CA ALA A 298 2.00 -19.29 10.94
C ALA A 298 3.31 -18.57 10.66
N GLU A 299 4.32 -19.32 10.23
CA GLU A 299 5.60 -18.73 9.91
C GLU A 299 5.42 -17.61 8.88
N LEU A 300 4.76 -17.92 7.76
CA LEU A 300 4.52 -16.95 6.69
C LEU A 300 3.67 -15.77 7.18
N ALA A 301 2.69 -16.06 8.02
CA ALA A 301 1.83 -15.05 8.60
C ALA A 301 2.69 -13.97 9.29
N LEU A 302 3.54 -14.35 10.23
CA LEU A 302 4.40 -13.38 10.91
C LEU A 302 5.41 -12.73 9.94
N GLU A 303 5.84 -13.47 8.92
CA GLU A 303 6.76 -12.92 7.93
C GLU A 303 6.08 -11.77 7.20
N ILE A 304 4.84 -12.01 6.78
CA ILE A 304 4.08 -11.00 6.07
C ILE A 304 3.83 -9.78 6.93
N PHE A 305 3.53 -10.03 8.20
CA PHE A 305 3.28 -8.94 9.13
C PHE A 305 4.52 -8.08 9.34
N ALA A 306 5.62 -8.71 9.73
CA ALA A 306 6.85 -7.98 9.99
C ALA A 306 7.36 -7.18 8.80
N TYR A 307 7.09 -7.69 7.60
CA TYR A 307 7.50 -7.07 6.35
C TYR A 307 6.69 -5.81 6.09
N LYS A 308 5.38 -5.91 6.31
CA LYS A 308 4.53 -4.78 6.06
C LYS A 308 4.85 -3.61 6.97
N VAL A 309 5.11 -3.87 8.24
CA VAL A 309 5.45 -2.79 9.14
C VAL A 309 6.80 -2.19 8.75
N LYS A 310 7.69 -3.04 8.22
CA LYS A 310 9.02 -2.60 7.80
C LYS A 310 8.92 -1.55 6.72
N LYS A 311 8.15 -1.86 5.68
CA LYS A 311 7.98 -0.94 4.56
C LYS A 311 7.45 0.42 5.02
N PHE A 312 6.44 0.44 5.89
CA PHE A 312 5.89 1.70 6.39
C PHE A 312 6.92 2.56 7.06
N ILE A 313 7.85 1.90 7.75
CA ILE A 313 8.91 2.59 8.43
C ILE A 313 9.70 3.29 7.34
N GLY A 314 9.83 2.63 6.19
CA GLY A 314 10.57 3.19 5.07
C GLY A 314 9.73 4.28 4.40
N GLU A 315 8.45 3.99 4.24
CA GLU A 315 7.51 4.91 3.63
C GLU A 315 7.52 6.25 4.39
N TYR A 316 7.11 6.21 5.65
CA TYR A 316 7.05 7.42 6.48
C TYR A 316 8.40 8.12 6.69
N SER A 317 9.49 7.46 6.31
CA SER A 317 10.82 8.07 6.43
C SER A 317 10.95 9.11 5.33
N ALA A 318 10.27 8.86 4.20
CA ALA A 318 10.29 9.78 3.08
C ALA A 318 9.31 10.90 3.43
N VAL A 319 8.24 10.56 4.13
CA VAL A 319 7.30 11.56 4.49
C VAL A 319 7.92 12.60 5.41
N LEU A 320 8.62 12.14 6.46
CA LEU A 320 9.24 13.04 7.42
C LEU A 320 10.61 13.54 6.99
N ASN A 321 11.13 13.00 5.89
CA ASN A 321 12.43 13.42 5.36
C ASN A 321 13.54 13.19 6.41
N GLY A 322 13.54 11.97 6.94
CA GLY A 322 14.48 11.59 7.96
C GLY A 322 13.73 11.60 9.28
N ALA A 323 13.53 10.41 9.86
CA ALA A 323 12.84 10.34 11.14
C ALA A 323 13.90 10.37 12.21
N ASP A 324 13.56 10.90 13.38
CA ASP A 324 14.49 10.96 14.50
C ASP A 324 14.46 9.71 15.36
N ALA A 325 13.30 9.07 15.38
CA ALA A 325 13.10 7.85 16.15
C ALA A 325 11.93 7.02 15.60
N VAL A 326 11.94 5.73 15.90
CA VAL A 326 10.87 4.86 15.48
C VAL A 326 10.42 4.34 16.82
N VAL A 327 9.15 4.55 17.15
CA VAL A 327 8.60 4.12 18.43
C VAL A 327 7.69 2.90 18.31
N PHE A 328 7.98 1.85 19.09
CA PHE A 328 7.18 0.62 19.09
C PHE A 328 6.36 0.49 20.40
N THR A 329 5.05 0.25 20.26
CA THR A 329 4.17 0.09 21.42
C THR A 329 3.00 -0.87 21.15
N ALA A 330 2.08 -0.97 22.11
CA ALA A 330 0.89 -1.84 22.02
C ALA A 330 1.22 -3.30 22.30
N GLY A 331 0.19 -4.14 22.31
CA GLY A 331 0.37 -5.56 22.57
C GLY A 331 1.64 -6.19 22.06
N ILE A 332 1.77 -6.27 20.74
CA ILE A 332 2.94 -6.85 20.10
C ILE A 332 4.20 -6.02 20.30
N GLY A 333 4.18 -4.80 19.77
CA GLY A 333 5.34 -3.92 19.86
C GLY A 333 5.93 -3.70 21.24
N GLU A 334 5.15 -3.98 22.28
CA GLU A 334 5.60 -3.80 23.65
C GLU A 334 6.26 -5.04 24.19
N ASN A 335 5.68 -6.19 23.88
CA ASN A 335 6.19 -7.42 24.42
C ASN A 335 6.92 -8.37 23.48
N SER A 336 6.55 -8.39 22.21
CA SER A 336 7.22 -9.31 21.31
C SER A 336 8.58 -8.89 20.78
N ALA A 337 9.65 -9.21 21.52
CA ALA A 337 10.99 -8.89 21.06
C ALA A 337 11.20 -9.64 19.75
N SER A 338 10.50 -10.76 19.63
CA SER A 338 10.56 -11.60 18.47
C SER A 338 10.18 -10.82 17.22
N ILE A 339 8.90 -10.48 17.12
CA ILE A 339 8.38 -9.72 15.99
C ILE A 339 9.22 -8.47 15.71
N ARG A 340 9.58 -7.71 16.75
CA ARG A 340 10.37 -6.50 16.54
C ARG A 340 11.68 -6.84 15.83
N LYS A 341 12.30 -7.95 16.20
CA LYS A 341 13.56 -8.33 15.58
C LYS A 341 13.40 -8.55 14.06
N ARG A 342 12.24 -9.06 13.65
CA ARG A 342 11.92 -9.30 12.23
C ARG A 342 11.78 -7.96 11.51
N ILE A 343 11.16 -7.01 12.18
CA ILE A 343 10.93 -5.72 11.57
C ILE A 343 12.16 -4.86 11.42
N LEU A 344 12.99 -4.84 12.45
CA LEU A 344 14.17 -3.99 12.43
C LEU A 344 15.40 -4.53 11.72
N THR A 345 15.36 -5.81 11.39
CA THR A 345 16.50 -6.42 10.72
C THR A 345 16.65 -6.00 9.27
N GLY A 346 17.86 -5.59 8.93
CA GLY A 346 18.17 -5.16 7.57
C GLY A 346 17.69 -3.76 7.25
N LEU A 347 17.95 -2.82 8.16
CA LEU A 347 17.56 -1.41 7.98
C LEU A 347 18.69 -0.46 8.33
N ASP A 348 19.92 -0.97 8.42
CA ASP A 348 21.04 -0.11 8.75
C ASP A 348 21.29 0.88 7.61
N GLY A 349 20.87 0.50 6.41
CA GLY A 349 21.00 1.37 5.26
C GLY A 349 20.29 2.70 5.49
N ILE A 350 19.11 2.66 6.12
CA ILE A 350 18.38 3.89 6.43
C ILE A 350 18.65 4.30 7.87
N GLY A 351 19.81 3.87 8.36
CA GLY A 351 20.30 4.20 9.69
C GLY A 351 19.60 3.63 10.90
N ILE A 352 19.25 2.37 10.85
CA ILE A 352 18.56 1.76 11.97
C ILE A 352 19.25 0.47 12.38
N LYS A 353 19.66 0.41 13.63
CA LYS A 353 20.30 -0.78 14.15
C LYS A 353 19.77 -1.02 15.54
N ILE A 354 19.71 -2.29 15.93
CA ILE A 354 19.23 -2.62 17.25
C ILE A 354 20.18 -3.53 18.00
N ASP A 355 20.31 -3.30 19.30
CA ASP A 355 21.15 -4.10 20.17
C ASP A 355 20.31 -5.34 20.50
N ASP A 356 20.54 -6.43 19.79
CA ASP A 356 19.77 -7.63 20.03
C ASP A 356 19.56 -8.01 21.50
N GLU A 357 20.45 -7.55 22.37
CA GLU A 357 20.30 -7.87 23.80
C GLU A 357 19.34 -6.95 24.54
N LYS A 358 19.46 -5.65 24.30
CA LYS A 358 18.55 -4.73 24.95
C LYS A 358 17.15 -4.99 24.42
N ASN A 359 17.06 -5.54 23.22
CA ASN A 359 15.77 -5.82 22.60
C ASN A 359 14.99 -6.94 23.30
N LYS A 360 15.68 -7.70 24.15
CA LYS A 360 15.07 -8.80 24.88
C LYS A 360 14.39 -8.27 26.15
N ILE A 361 14.80 -7.10 26.61
CA ILE A 361 14.21 -6.52 27.81
C ILE A 361 12.70 -6.48 27.72
N ARG A 362 12.02 -6.79 28.82
CA ARG A 362 10.56 -6.80 28.85
C ARG A 362 9.90 -5.42 28.73
N GLY A 363 8.71 -5.29 29.33
CA GLY A 363 7.96 -4.05 29.29
C GLY A 363 8.58 -2.92 30.10
N GLN A 364 9.35 -2.10 29.38
CA GLN A 364 10.05 -0.99 30.01
C GLN A 364 10.36 -0.04 28.87
N GLU A 365 10.36 1.25 29.18
CA GLU A 365 10.69 2.27 28.21
C GLU A 365 12.21 2.18 28.08
N ILE A 366 12.69 1.52 27.03
CA ILE A 366 14.14 1.35 26.82
C ILE A 366 14.51 1.62 25.35
N ASP A 367 15.68 2.23 25.16
CA ASP A 367 16.14 2.52 23.81
C ASP A 367 16.91 1.29 23.31
N ILE A 368 16.28 0.50 22.45
CA ILE A 368 16.90 -0.72 21.92
C ILE A 368 17.73 -0.54 20.64
N SER A 369 18.23 0.67 20.43
CA SER A 369 19.06 0.96 19.25
C SER A 369 20.50 1.14 19.67
N THR A 370 21.43 0.79 18.80
CA THR A 370 22.87 0.92 19.11
C THR A 370 23.16 2.41 19.34
N PRO A 371 24.07 2.74 20.27
CA PRO A 371 24.42 4.13 20.59
C PRO A 371 24.84 4.98 19.40
N ASP A 372 25.34 4.31 18.37
CA ASP A 372 25.79 4.96 17.16
C ASP A 372 24.73 5.04 16.06
N ALA A 373 23.61 4.33 16.22
CA ALA A 373 22.54 4.32 15.22
C ALA A 373 22.02 5.74 14.97
N LYS A 374 21.93 6.14 13.70
CA LYS A 374 21.44 7.48 13.40
C LYS A 374 19.99 7.68 13.82
N VAL A 375 19.27 6.58 13.98
CA VAL A 375 17.86 6.63 14.35
C VAL A 375 17.62 5.91 15.65
N ARG A 376 16.96 6.58 16.59
CA ARG A 376 16.65 5.99 17.87
C ARG A 376 15.49 5.03 17.66
N VAL A 377 15.45 3.99 18.48
CA VAL A 377 14.38 3.00 18.41
C VAL A 377 13.87 2.69 19.81
N PHE A 378 12.98 3.53 20.32
CA PHE A 378 12.42 3.34 21.65
C PHE A 378 11.33 2.29 21.68
N VAL A 379 11.23 1.59 22.81
CA VAL A 379 10.18 0.59 23.05
C VAL A 379 9.39 1.24 24.17
N ILE A 380 8.37 2.01 23.82
CA ILE A 380 7.57 2.71 24.81
C ILE A 380 6.19 2.14 25.06
N PRO A 381 5.92 1.70 26.30
CA PRO A 381 4.61 1.14 26.60
C PRO A 381 3.55 2.23 26.43
N THR A 382 2.41 1.87 25.90
CA THR A 382 1.34 2.83 25.68
C THR A 382 0.49 3.02 26.93
N ASN A 383 -0.24 4.14 27.02
CA ASN A 383 -1.10 4.42 28.17
C ASN A 383 -2.38 5.11 27.69
N GLU A 384 -3.21 4.40 26.94
CA GLU A 384 -4.45 4.97 26.41
C GLU A 384 -5.39 5.45 27.51
N GLU A 385 -5.33 4.82 28.68
CA GLU A 385 -6.21 5.14 29.79
C GLU A 385 -5.90 6.50 30.44
N LEU A 386 -4.65 6.76 30.77
CA LEU A 386 -4.31 8.03 31.39
C LEU A 386 -4.67 9.16 30.43
N ALA A 387 -4.55 8.87 29.14
CA ALA A 387 -4.84 9.86 28.12
C ALA A 387 -6.31 10.21 28.10
N ILE A 388 -7.14 9.19 28.08
CA ILE A 388 -8.58 9.37 28.07
C ILE A 388 -8.94 10.00 29.41
N ALA A 389 -8.32 9.53 30.48
CA ALA A 389 -8.61 10.09 31.81
C ALA A 389 -8.41 11.60 31.83
N ARG A 390 -7.27 12.06 31.33
CA ARG A 390 -6.97 13.49 31.30
C ARG A 390 -8.02 14.25 30.51
N GLU A 391 -8.37 13.70 29.34
CA GLU A 391 -9.40 14.27 28.47
C GLU A 391 -10.73 14.38 29.23
N THR A 392 -11.15 13.28 29.85
CA THR A 392 -12.38 13.24 30.63
C THR A 392 -12.38 14.36 31.67
N LYS A 393 -11.34 14.41 32.50
CA LYS A 393 -11.25 15.44 33.52
C LYS A 393 -11.44 16.83 32.93
N GLU A 394 -10.69 17.13 31.88
CA GLU A 394 -10.76 18.43 31.23
C GLU A 394 -12.17 18.82 30.80
N ILE A 395 -12.84 17.95 30.03
CA ILE A 395 -14.20 18.20 29.56
C ILE A 395 -15.12 18.48 30.74
N VAL A 396 -15.23 17.53 31.66
CA VAL A 396 -16.10 17.73 32.80
C VAL A 396 -15.76 18.94 33.67
N GLU A 397 -14.49 19.08 34.05
CA GLU A 397 -14.10 20.19 34.91
C GLU A 397 -14.48 21.51 34.30
N THR A 398 -14.20 21.67 33.02
CA THR A 398 -14.48 22.93 32.35
C THR A 398 -15.94 23.10 31.97
N GLU A 399 -16.84 22.60 32.83
CA GLU A 399 -18.26 22.72 32.58
C GLU A 399 -18.64 21.83 31.40
N MET B 1 22.72 -10.88 -35.13
CA MET B 1 21.28 -11.25 -35.24
C MET B 1 20.40 -10.04 -35.60
N LYS B 2 19.18 -10.31 -36.06
CA LYS B 2 18.19 -9.28 -36.39
C LYS B 2 16.83 -9.70 -35.91
N VAL B 3 16.24 -8.85 -35.06
CA VAL B 3 14.92 -9.08 -34.48
C VAL B 3 13.85 -8.15 -35.03
N LEU B 4 12.65 -8.68 -35.21
CA LEU B 4 11.53 -7.88 -35.69
C LEU B 4 10.51 -7.81 -34.54
N VAL B 5 10.35 -6.64 -33.95
CA VAL B 5 9.39 -6.50 -32.86
C VAL B 5 8.02 -6.09 -33.40
N ILE B 6 7.03 -6.98 -33.23
CA ILE B 6 5.66 -6.76 -33.70
C ILE B 6 4.79 -6.21 -32.56
N ASN B 7 3.69 -5.57 -32.92
CA ASN B 7 2.75 -5.03 -31.94
C ASN B 7 1.35 -5.00 -32.56
N ALA B 8 0.60 -6.09 -32.41
CA ALA B 8 -0.75 -6.20 -32.97
C ALA B 8 -1.67 -5.11 -32.45
N GLY B 9 -2.68 -4.81 -33.24
CA GLY B 9 -3.64 -3.80 -32.86
C GLY B 9 -5.02 -4.15 -33.39
N SER B 10 -6.01 -3.38 -32.96
CA SER B 10 -7.40 -3.57 -33.37
C SER B 10 -7.45 -3.68 -34.89
N SER B 11 -6.90 -2.68 -35.57
CA SER B 11 -6.86 -2.61 -37.03
C SER B 11 -5.53 -2.01 -37.51
N SER B 12 -4.46 -2.31 -36.77
CA SER B 12 -3.13 -1.80 -37.08
C SER B 12 -2.06 -2.84 -36.80
N LEU B 13 -0.81 -2.48 -37.10
CA LEU B 13 0.30 -3.40 -36.92
C LEU B 13 1.60 -2.59 -36.98
N LYS B 14 2.13 -2.26 -35.80
CA LYS B 14 3.37 -1.51 -35.67
C LYS B 14 4.51 -2.50 -35.66
N TYR B 15 5.67 -2.10 -36.17
CA TYR B 15 6.81 -3.00 -36.22
C TYR B 15 8.13 -2.29 -36.27
N GLN B 16 9.17 -3.01 -35.88
CA GLN B 16 10.53 -2.49 -35.89
C GLN B 16 11.49 -3.61 -36.18
N LEU B 17 12.49 -3.34 -37.02
CA LEU B 17 13.52 -4.34 -37.33
C LEU B 17 14.79 -3.79 -36.71
N ILE B 18 15.26 -4.43 -35.64
CA ILE B 18 16.47 -3.99 -34.95
C ILE B 18 17.63 -4.94 -35.15
N ASP B 19 18.76 -4.39 -35.56
CA ASP B 19 19.98 -5.18 -35.76
C ASP B 19 20.57 -5.24 -34.34
N MET B 20 20.67 -6.45 -33.79
CA MET B 20 21.17 -6.61 -32.43
C MET B 20 22.69 -6.53 -32.25
N THR B 21 23.39 -6.24 -33.35
CA THR B 21 24.85 -6.09 -33.33
C THR B 21 25.25 -4.68 -32.89
N ASN B 22 24.32 -3.74 -33.10
CA ASN B 22 24.52 -2.35 -32.74
C ASN B 22 23.24 -1.77 -32.12
N GLU B 23 22.21 -2.60 -32.02
CA GLU B 23 20.93 -2.17 -31.46
C GLU B 23 20.43 -0.94 -32.21
N SER B 24 20.53 -1.02 -33.54
CA SER B 24 20.10 0.05 -34.42
C SER B 24 18.77 -0.28 -35.05
N ALA B 25 17.84 0.67 -35.01
CA ALA B 25 16.55 0.43 -35.62
C ALA B 25 16.72 0.68 -37.12
N LEU B 26 16.90 -0.40 -37.87
CA LEU B 26 17.07 -0.32 -39.32
C LEU B 26 15.82 0.22 -40.00
N ALA B 27 14.65 -0.20 -39.55
CA ALA B 27 13.43 0.26 -40.16
C ALA B 27 12.33 0.32 -39.15
N VAL B 28 11.38 1.20 -39.38
CA VAL B 28 10.26 1.35 -38.48
C VAL B 28 9.03 1.55 -39.36
N GLY B 29 7.95 0.87 -39.03
CA GLY B 29 6.74 0.98 -39.83
C GLY B 29 5.47 0.85 -39.01
N LEU B 30 4.34 0.97 -39.69
CA LEU B 30 3.03 0.88 -39.06
C LEU B 30 1.95 0.65 -40.10
N CYS B 31 1.19 -0.44 -39.94
CA CYS B 31 0.10 -0.73 -40.87
C CYS B 31 -1.17 -0.18 -40.24
N GLU B 32 -2.12 0.26 -41.06
CA GLU B 32 -3.38 0.83 -40.57
C GLU B 32 -4.63 0.42 -41.37
N ARG B 33 -5.80 0.66 -40.77
CA ARG B 33 -7.08 0.32 -41.39
C ARG B 33 -7.05 -1.14 -41.82
N ILE B 34 -6.59 -2.03 -40.95
CA ILE B 34 -6.55 -3.46 -41.28
C ILE B 34 -7.98 -4.00 -41.24
N GLY B 35 -8.35 -4.82 -42.22
CA GLY B 35 -9.69 -5.37 -42.26
C GLY B 35 -10.68 -4.35 -42.82
N ILE B 36 -10.38 -3.09 -42.55
CA ILE B 36 -11.19 -1.98 -43.03
C ILE B 36 -10.68 -1.65 -44.43
N ASP B 37 -11.25 -0.61 -45.00
CA ASP B 37 -10.88 -0.17 -46.33
C ASP B 37 -9.92 1.01 -46.22
N ASN B 38 -9.34 1.39 -47.36
CA ASN B 38 -8.40 2.50 -47.40
C ASN B 38 -7.17 2.14 -46.57
N SER B 39 -6.80 0.87 -46.64
CA SER B 39 -5.64 0.35 -45.92
C SER B 39 -4.35 0.94 -46.47
N ILE B 40 -3.40 1.19 -45.57
CA ILE B 40 -2.11 1.76 -45.93
C ILE B 40 -0.97 1.25 -45.01
N ILE B 41 0.24 1.16 -45.56
CA ILE B 41 1.39 0.73 -44.78
C ILE B 41 2.51 1.75 -44.93
N THR B 42 2.95 2.35 -43.83
CA THR B 42 4.02 3.35 -43.88
C THR B 42 5.30 2.82 -43.23
N GLN B 43 6.43 2.98 -43.92
CA GLN B 43 7.74 2.52 -43.41
C GLN B 43 8.78 3.64 -43.46
N LYS B 44 9.73 3.61 -42.54
CA LYS B 44 10.78 4.63 -42.50
C LYS B 44 12.12 3.97 -42.30
N LYS B 45 12.95 4.03 -43.34
CA LYS B 45 14.29 3.45 -43.30
C LYS B 45 15.20 4.43 -42.54
N PHE B 46 16.12 3.89 -41.75
CA PHE B 46 17.03 4.71 -40.94
C PHE B 46 17.64 5.90 -41.66
N ASP B 47 18.17 5.68 -42.85
CA ASP B 47 18.80 6.75 -43.64
C ASP B 47 17.81 7.75 -44.24
N GLY B 48 16.81 8.15 -43.47
CA GLY B 48 15.84 9.12 -43.96
C GLY B 48 15.24 8.83 -45.33
N LYS B 49 14.34 7.87 -45.36
CA LYS B 49 13.66 7.49 -46.59
C LYS B 49 12.32 6.86 -46.23
N LYS B 50 11.26 7.65 -46.26
CA LYS B 50 9.96 7.13 -45.91
C LYS B 50 9.25 6.58 -47.14
N LEU B 51 8.46 5.53 -46.93
CA LEU B 51 7.73 4.87 -47.99
C LEU B 51 6.29 4.64 -47.56
N GLU B 52 5.36 4.97 -48.45
CA GLU B 52 3.93 4.81 -48.19
C GLU B 52 3.32 4.05 -49.34
N LYS B 53 2.43 3.11 -49.02
CA LYS B 53 1.79 2.30 -50.06
C LYS B 53 0.34 2.07 -49.66
N LEU B 54 -0.57 2.28 -50.61
CA LEU B 54 -2.00 2.12 -50.37
C LEU B 54 -2.56 0.78 -50.81
N THR B 55 -2.11 -0.30 -50.19
CA THR B 55 -2.59 -1.63 -50.54
C THR B 55 -3.56 -2.12 -49.47
N ASP B 56 -4.76 -2.50 -49.88
CA ASP B 56 -5.74 -2.97 -48.92
C ASP B 56 -5.22 -4.16 -48.11
N LEU B 57 -5.45 -4.08 -46.81
CA LEU B 57 -5.03 -5.11 -45.86
C LEU B 57 -6.26 -5.73 -45.17
N PRO B 58 -6.73 -6.86 -45.69
CA PRO B 58 -7.89 -7.58 -45.15
C PRO B 58 -7.62 -8.13 -43.74
N THR B 59 -6.51 -8.84 -43.61
CA THR B 59 -6.13 -9.45 -42.34
C THR B 59 -4.69 -9.11 -41.95
N HIS B 60 -4.42 -9.09 -40.64
CA HIS B 60 -3.08 -8.80 -40.15
C HIS B 60 -2.10 -9.78 -40.76
N LYS B 61 -2.63 -10.91 -41.22
CA LYS B 61 -1.81 -11.93 -41.86
C LYS B 61 -1.29 -11.33 -43.16
N ASP B 62 -2.17 -10.63 -43.86
CA ASP B 62 -1.79 -9.98 -45.12
C ASP B 62 -0.92 -8.79 -44.80
N ALA B 63 -1.31 -8.03 -43.77
CA ALA B 63 -0.54 -6.86 -43.34
C ALA B 63 0.91 -7.23 -43.07
N LEU B 64 1.12 -8.39 -42.44
CA LEU B 64 2.46 -8.86 -42.12
C LEU B 64 3.24 -9.20 -43.38
N GLU B 65 2.51 -9.55 -44.43
CA GLU B 65 3.16 -9.87 -45.68
C GLU B 65 3.71 -8.59 -46.30
N GLU B 66 3.01 -7.49 -46.07
CA GLU B 66 3.43 -6.18 -46.59
C GLU B 66 4.62 -5.66 -45.78
N VAL B 67 4.60 -5.91 -44.48
CA VAL B 67 5.70 -5.49 -43.63
C VAL B 67 6.98 -6.13 -44.16
N VAL B 68 6.86 -7.34 -44.68
CA VAL B 68 8.03 -8.03 -45.22
C VAL B 68 8.43 -7.40 -46.56
N LYS B 69 7.43 -7.08 -47.38
CA LYS B 69 7.68 -6.44 -48.67
C LYS B 69 8.43 -5.14 -48.49
N ALA B 70 8.12 -4.42 -47.41
CA ALA B 70 8.77 -3.14 -47.14
C ALA B 70 10.21 -3.29 -46.66
N LEU B 71 10.47 -4.32 -45.87
CA LEU B 71 11.81 -4.55 -45.35
C LEU B 71 12.73 -5.01 -46.48
N THR B 72 12.17 -5.81 -47.38
CA THR B 72 12.91 -6.39 -48.52
C THR B 72 13.14 -5.48 -49.72
N ASP B 73 12.38 -4.39 -49.80
CA ASP B 73 12.51 -3.42 -50.90
C ASP B 73 13.97 -3.02 -50.93
N ASP B 74 14.53 -2.93 -52.13
CA ASP B 74 15.92 -2.57 -52.23
C ASP B 74 16.15 -1.06 -52.19
N GLU B 75 15.09 -0.27 -52.37
CA GLU B 75 15.26 1.19 -52.35
C GLU B 75 14.80 1.81 -51.04
N PHE B 76 13.84 1.17 -50.37
CA PHE B 76 13.35 1.68 -49.09
C PHE B 76 13.36 0.61 -48.02
N GLY B 77 14.03 -0.51 -48.31
CA GLY B 77 14.12 -1.59 -47.35
C GLY B 77 15.49 -1.65 -46.70
N VAL B 78 15.74 -2.70 -45.93
CA VAL B 78 17.02 -2.86 -45.25
C VAL B 78 17.50 -4.29 -45.24
N ILE B 79 16.85 -5.17 -45.98
CA ILE B 79 17.27 -6.56 -46.01
C ILE B 79 16.85 -7.19 -47.33
N LYS B 80 17.70 -8.04 -47.88
CA LYS B 80 17.39 -8.69 -49.15
C LYS B 80 16.40 -9.85 -48.99
N ASP B 81 16.75 -10.88 -48.22
CA ASP B 81 15.82 -12.00 -48.04
C ASP B 81 15.05 -11.91 -46.73
N MET B 82 13.92 -12.62 -46.68
CA MET B 82 13.08 -12.65 -45.49
C MET B 82 13.81 -13.48 -44.44
N GLY B 83 14.82 -14.21 -44.91
CA GLY B 83 15.59 -15.08 -44.06
C GLY B 83 16.57 -14.33 -43.18
N GLU B 84 16.53 -13.02 -43.24
CA GLU B 84 17.41 -12.19 -42.44
C GLU B 84 16.81 -11.86 -41.07
N ILE B 85 15.54 -12.22 -40.91
CA ILE B 85 14.82 -12.01 -39.66
C ILE B 85 14.87 -13.35 -38.94
N ASN B 86 15.69 -13.43 -37.90
CA ASN B 86 15.82 -14.65 -37.15
C ASN B 86 15.31 -14.52 -35.74
N ALA B 87 14.14 -13.90 -35.60
CA ALA B 87 13.51 -13.71 -34.30
C ALA B 87 12.43 -12.64 -34.39
N VAL B 88 11.31 -12.88 -33.70
CA VAL B 88 10.21 -11.94 -33.70
C VAL B 88 9.70 -11.79 -32.27
N GLY B 89 9.50 -10.53 -31.84
CA GLY B 89 9.02 -10.28 -30.49
C GLY B 89 7.63 -9.70 -30.39
N HIS B 90 6.98 -9.95 -29.27
CA HIS B 90 5.62 -9.46 -29.05
C HIS B 90 5.45 -9.23 -27.54
N ARG B 91 4.98 -8.05 -27.15
CA ARG B 91 4.77 -7.77 -25.72
C ARG B 91 3.36 -8.19 -25.32
N VAL B 92 3.26 -8.75 -24.12
CA VAL B 92 1.99 -9.23 -23.61
C VAL B 92 1.87 -8.80 -22.15
N VAL B 93 0.70 -8.25 -21.79
CA VAL B 93 0.43 -7.82 -20.42
C VAL B 93 -0.40 -8.89 -19.73
N HIS B 94 -1.72 -8.83 -19.89
CA HIS B 94 -2.60 -9.83 -19.28
C HIS B 94 -2.47 -11.14 -20.05
N GLY B 95 -2.59 -12.26 -19.34
CA GLY B 95 -2.44 -13.58 -19.94
C GLY B 95 -0.99 -13.97 -19.80
N GLY B 96 -0.20 -13.02 -19.34
CA GLY B 96 1.22 -13.22 -19.15
C GLY B 96 1.56 -13.65 -17.74
N GLU B 97 0.68 -13.34 -16.79
CA GLU B 97 0.93 -13.73 -15.39
C GLU B 97 1.18 -15.23 -15.36
N LYS B 98 1.78 -15.72 -14.27
CA LYS B 98 2.05 -17.15 -14.13
C LYS B 98 3.18 -17.64 -15.05
N PHE B 99 3.73 -16.70 -15.83
CA PHE B 99 4.83 -17.00 -16.74
C PHE B 99 6.09 -16.39 -16.13
N THR B 100 7.01 -17.23 -15.68
CA THR B 100 8.25 -16.76 -15.07
C THR B 100 9.28 -16.35 -16.10
N THR B 101 9.12 -16.85 -17.33
CA THR B 101 10.04 -16.51 -18.40
C THR B 101 9.33 -16.28 -19.74
N SER B 102 10.02 -15.60 -20.65
CA SER B 102 9.48 -15.31 -21.98
C SER B 102 9.43 -16.63 -22.75
N ALA B 103 8.23 -17.07 -23.12
CA ALA B 103 8.07 -18.34 -23.85
C ALA B 103 8.48 -18.27 -25.32
N LEU B 104 8.94 -19.41 -25.84
CA LEU B 104 9.36 -19.49 -27.23
C LEU B 104 8.16 -19.85 -28.10
N TYR B 105 6.98 -19.44 -27.66
CA TYR B 105 5.72 -19.67 -28.38
C TYR B 105 5.66 -20.92 -29.22
N ASP B 106 5.11 -21.96 -28.63
CA ASP B 106 4.93 -23.25 -29.29
C ASP B 106 3.43 -23.53 -29.21
N GLU B 107 3.04 -24.74 -29.57
CA GLU B 107 1.65 -25.11 -29.56
C GLU B 107 0.98 -25.00 -28.18
N GLY B 108 1.78 -25.14 -27.12
CA GLY B 108 1.23 -25.07 -25.76
C GLY B 108 1.17 -23.70 -25.12
N VAL B 109 1.63 -22.68 -25.85
CA VAL B 109 1.62 -21.30 -25.33
C VAL B 109 0.30 -20.57 -25.62
N GLU B 110 -0.42 -20.93 -26.69
CA GLU B 110 -1.70 -20.28 -26.98
C GLU B 110 -2.63 -20.54 -25.80
N LYS B 111 -2.75 -21.82 -25.45
CA LYS B 111 -3.61 -22.23 -24.34
C LYS B 111 -3.17 -21.51 -23.07
N ALA B 112 -1.88 -21.55 -22.78
CA ALA B 112 -1.35 -20.89 -21.59
C ALA B 112 -1.79 -19.43 -21.57
N ILE B 113 -1.67 -18.77 -22.73
CA ILE B 113 -2.05 -17.38 -22.88
C ILE B 113 -3.56 -17.24 -22.88
N LYS B 114 -4.24 -18.31 -23.28
CA LYS B 114 -5.70 -18.31 -23.33
C LYS B 114 -6.31 -18.64 -21.96
N ASP B 115 -5.50 -19.17 -21.05
CA ASP B 115 -5.95 -19.51 -19.70
C ASP B 115 -6.13 -18.27 -18.82
N CYS B 116 -5.11 -17.42 -18.78
CA CYS B 116 -5.16 -16.22 -17.96
C CYS B 116 -6.14 -15.16 -18.53
N PHE B 117 -7.11 -15.63 -19.32
CA PHE B 117 -8.11 -14.74 -19.92
C PHE B 117 -9.07 -14.20 -18.88
N GLU B 118 -10.09 -14.99 -18.58
CA GLU B 118 -11.11 -14.63 -17.60
C GLU B 118 -10.45 -14.38 -16.24
N LEU B 119 -9.37 -15.12 -16.00
CA LEU B 119 -8.61 -15.03 -14.75
C LEU B 119 -8.12 -13.59 -14.52
N ALA B 120 -8.59 -12.97 -13.43
CA ALA B 120 -8.22 -11.58 -13.09
C ALA B 120 -9.03 -10.59 -13.95
N PRO B 121 -9.65 -9.57 -13.31
CA PRO B 121 -10.45 -8.57 -14.03
C PRO B 121 -9.58 -7.71 -14.95
N LEU B 122 -9.19 -8.32 -16.07
CA LEU B 122 -8.36 -7.69 -17.09
C LEU B 122 -9.27 -7.34 -18.28
N HIS B 123 -9.20 -6.08 -18.70
CA HIS B 123 -10.00 -5.59 -19.83
C HIS B 123 -9.59 -6.23 -21.16
N ASN B 124 -9.05 -5.41 -22.06
CA ASN B 124 -8.59 -5.86 -23.39
C ASN B 124 -7.63 -7.06 -23.34
N PRO B 125 -8.11 -8.26 -23.67
CA PRO B 125 -7.30 -9.49 -23.66
C PRO B 125 -6.14 -9.38 -24.67
N PRO B 126 -5.29 -10.42 -24.76
CA PRO B 126 -4.16 -10.42 -25.70
C PRO B 126 -4.57 -10.45 -27.18
N ASN B 127 -4.39 -9.33 -27.88
CA ASN B 127 -4.73 -9.25 -29.30
C ASN B 127 -3.81 -10.22 -30.04
N MET B 128 -4.28 -11.45 -30.21
CA MET B 128 -3.51 -12.48 -30.87
C MET B 128 -3.54 -12.39 -32.40
N MET B 129 -4.44 -11.55 -32.95
CA MET B 129 -4.54 -11.43 -34.40
C MET B 129 -3.17 -11.16 -35.02
N GLY B 130 -2.35 -10.35 -34.38
CA GLY B 130 -1.04 -10.07 -34.92
C GLY B 130 0.05 -11.07 -34.55
N ILE B 131 -0.23 -11.99 -33.64
CA ILE B 131 0.78 -12.95 -33.22
C ILE B 131 0.71 -14.25 -34.04
N SER B 132 -0.52 -14.71 -34.27
CA SER B 132 -0.79 -15.93 -35.03
C SER B 132 -0.40 -15.76 -36.51
N ALA B 133 -0.25 -14.51 -36.91
CA ALA B 133 0.12 -14.20 -38.28
C ALA B 133 1.57 -14.61 -38.59
N CYS B 134 2.39 -14.78 -37.55
CA CYS B 134 3.79 -15.15 -37.73
C CYS B 134 3.92 -16.62 -38.16
N ALA B 135 3.17 -17.49 -37.49
CA ALA B 135 3.17 -18.93 -37.80
C ALA B 135 2.96 -19.17 -39.31
N GLU B 136 2.25 -18.25 -39.96
CA GLU B 136 1.95 -18.32 -41.39
C GLU B 136 3.14 -17.81 -42.22
N ILE B 137 3.20 -16.48 -42.36
CA ILE B 137 4.25 -15.81 -43.12
C ILE B 137 5.64 -16.41 -42.97
N MET B 138 6.07 -16.62 -41.74
CA MET B 138 7.40 -17.18 -41.51
C MET B 138 7.41 -18.22 -40.40
N PRO B 139 7.11 -19.49 -40.75
CA PRO B 139 7.07 -20.61 -39.81
C PRO B 139 8.44 -21.01 -39.24
N GLY B 140 9.43 -21.21 -40.09
CA GLY B 140 10.73 -21.60 -39.59
C GLY B 140 11.44 -20.49 -38.84
N THR B 141 10.69 -19.51 -38.36
CA THR B 141 11.27 -18.38 -37.66
C THR B 141 10.90 -18.30 -36.17
N PRO B 142 11.92 -18.20 -35.29
CA PRO B 142 11.72 -18.12 -33.83
C PRO B 142 10.83 -16.94 -33.45
N MET B 143 9.82 -17.22 -32.62
CA MET B 143 8.88 -16.20 -32.18
C MET B 143 8.83 -16.22 -30.66
N VAL B 144 9.31 -15.16 -30.02
CA VAL B 144 9.32 -15.05 -28.55
C VAL B 144 8.20 -14.13 -28.07
N ILE B 145 7.55 -14.49 -26.97
CA ILE B 145 6.47 -13.68 -26.41
C ILE B 145 6.93 -13.08 -25.08
N VAL B 146 7.22 -11.78 -25.04
CA VAL B 146 7.68 -11.10 -23.83
C VAL B 146 6.53 -10.76 -22.87
N PHE B 147 6.66 -11.13 -21.60
CA PHE B 147 5.60 -10.86 -20.64
C PHE B 147 5.91 -9.71 -19.69
N ASP B 148 5.01 -8.74 -19.67
CA ASP B 148 5.16 -7.55 -18.84
C ASP B 148 5.09 -7.88 -17.35
N THR B 149 4.76 -9.12 -17.01
CA THR B 149 4.67 -9.49 -15.60
C THR B 149 5.73 -10.50 -15.18
N ALA B 150 6.49 -11.00 -16.15
CA ALA B 150 7.53 -11.98 -15.86
C ALA B 150 8.64 -11.44 -14.96
N PHE B 151 9.10 -10.22 -15.23
CA PHE B 151 10.17 -9.62 -14.45
C PHE B 151 9.95 -9.71 -12.95
N HIS B 152 8.71 -9.63 -12.50
CA HIS B 152 8.45 -9.66 -11.07
C HIS B 152 8.26 -11.05 -10.47
N GLN B 153 8.55 -12.09 -11.23
CA GLN B 153 8.37 -13.44 -10.73
C GLN B 153 9.44 -13.88 -9.77
N THR B 154 10.40 -13.01 -9.50
CA THR B 154 11.48 -13.33 -8.58
C THR B 154 11.15 -12.82 -7.17
N MET B 155 9.99 -12.19 -7.02
CA MET B 155 9.56 -11.66 -5.72
C MET B 155 9.36 -12.76 -4.71
N PRO B 156 9.74 -12.54 -3.45
CA PRO B 156 9.58 -13.52 -2.38
C PRO B 156 8.11 -13.71 -1.96
N PRO B 157 7.79 -14.88 -1.41
CA PRO B 157 6.43 -15.18 -0.95
C PRO B 157 5.85 -14.17 0.02
N TYR B 158 6.67 -13.60 0.91
CA TYR B 158 6.17 -12.64 1.88
C TYR B 158 5.92 -11.26 1.28
N ALA B 159 6.08 -11.18 -0.04
CA ALA B 159 5.85 -9.94 -0.78
C ALA B 159 4.69 -10.07 -1.76
N TYR B 160 4.62 -11.18 -2.50
CA TYR B 160 3.51 -11.30 -3.45
C TYR B 160 2.24 -11.85 -2.84
N MET B 161 2.32 -12.26 -1.58
CA MET B 161 1.17 -12.78 -0.88
C MET B 161 0.39 -11.65 -0.22
N TYR B 162 -0.91 -11.88 -0.06
CA TYR B 162 -1.79 -10.89 0.56
C TYR B 162 -2.24 -11.44 1.92
N ALA B 163 -2.44 -10.54 2.88
CA ALA B 163 -2.89 -11.03 4.17
C ALA B 163 -4.38 -11.34 4.05
N LEU B 164 -4.67 -12.33 3.22
CA LEU B 164 -6.03 -12.80 2.97
C LEU B 164 -6.03 -14.30 3.16
N PRO B 165 -7.21 -14.91 3.28
CA PRO B 165 -7.26 -16.37 3.46
C PRO B 165 -6.39 -17.05 2.41
N TYR B 166 -5.56 -17.98 2.86
CA TYR B 166 -4.65 -18.70 1.98
C TYR B 166 -5.37 -19.42 0.83
N ASP B 167 -6.60 -19.88 1.05
CA ASP B 167 -7.33 -20.57 -0.02
C ASP B 167 -7.55 -19.70 -1.26
N LEU B 168 -7.53 -18.39 -1.10
CA LEU B 168 -7.76 -17.50 -2.23
C LEU B 168 -6.61 -17.54 -3.23
N TYR B 169 -5.39 -17.60 -2.73
CA TYR B 169 -4.23 -17.65 -3.58
C TYR B 169 -4.11 -19.06 -4.18
N GLU B 170 -4.61 -20.03 -3.43
CA GLU B 170 -4.56 -21.42 -3.86
C GLU B 170 -5.71 -21.76 -4.81
N LYS B 171 -6.90 -21.27 -4.52
CA LYS B 171 -8.11 -21.52 -5.31
C LYS B 171 -8.34 -20.59 -6.51
N HIS B 172 -7.79 -19.38 -6.47
CA HIS B 172 -7.97 -18.42 -7.57
C HIS B 172 -6.67 -17.74 -7.99
N GLY B 173 -5.57 -18.11 -7.35
CA GLY B 173 -4.30 -17.51 -7.70
C GLY B 173 -4.17 -16.05 -7.33
N VAL B 174 -4.84 -15.64 -6.26
CA VAL B 174 -4.78 -14.26 -5.82
C VAL B 174 -3.41 -13.96 -5.20
N ARG B 175 -2.57 -13.23 -5.94
CA ARG B 175 -1.24 -12.84 -5.48
C ARG B 175 -0.82 -11.58 -6.23
N LYS B 176 0.25 -10.94 -5.79
CA LYS B 176 0.73 -9.74 -6.46
C LYS B 176 1.57 -10.16 -7.67
N TYR B 177 1.26 -9.60 -8.85
CA TYR B 177 1.95 -9.94 -10.09
C TYR B 177 2.90 -8.87 -10.64
N GLY B 178 2.42 -7.62 -10.64
CA GLY B 178 3.24 -6.53 -11.14
C GLY B 178 3.17 -6.35 -12.64
N PHE B 179 3.58 -5.16 -13.10
CA PHE B 179 3.55 -4.85 -14.52
C PHE B 179 4.69 -3.93 -14.95
N HIS B 180 4.65 -3.44 -16.18
CA HIS B 180 5.73 -2.57 -16.70
C HIS B 180 7.06 -3.27 -16.55
N GLY B 181 7.01 -4.59 -16.47
CA GLY B 181 8.22 -5.39 -16.30
C GLY B 181 9.37 -5.14 -17.25
N THR B 182 9.07 -5.01 -18.53
CA THR B 182 10.09 -4.77 -19.53
C THR B 182 10.69 -3.38 -19.36
N SER B 183 9.86 -2.41 -19.02
CA SER B 183 10.32 -1.04 -18.84
C SER B 183 11.18 -0.95 -17.59
N HIS B 184 10.74 -1.61 -16.53
CA HIS B 184 11.45 -1.62 -15.26
C HIS B 184 12.79 -2.33 -15.39
N LYS B 185 12.81 -3.42 -16.15
CA LYS B 185 14.05 -4.15 -16.30
C LYS B 185 15.04 -3.43 -17.21
N TYR B 186 14.53 -2.71 -18.19
CA TYR B 186 15.39 -2.02 -19.14
C TYR B 186 16.18 -0.89 -18.47
N VAL B 187 15.49 -0.02 -17.76
CA VAL B 187 16.11 1.09 -17.10
C VAL B 187 17.02 0.62 -15.97
N ALA B 188 16.66 -0.50 -15.36
CA ALA B 188 17.45 -1.08 -14.30
C ALA B 188 18.86 -1.38 -14.80
N GLU B 189 18.91 -2.09 -15.93
CA GLU B 189 20.16 -2.47 -16.59
C GLU B 189 20.96 -1.22 -16.94
N ARG B 190 20.24 -0.18 -17.36
CA ARG B 190 20.83 1.09 -17.72
C ARG B 190 21.45 1.74 -16.51
N ALA B 191 20.67 1.82 -15.43
CA ALA B 191 21.16 2.44 -14.21
C ALA B 191 22.46 1.81 -13.73
N ALA B 192 22.50 0.47 -13.73
CA ALA B 192 23.67 -0.26 -13.31
C ALA B 192 24.89 0.14 -14.12
N LEU B 193 24.67 0.45 -15.38
CA LEU B 193 25.76 0.86 -16.26
C LEU B 193 26.28 2.21 -15.78
N MET B 194 25.36 3.14 -15.63
CA MET B 194 25.70 4.48 -15.20
C MET B 194 26.29 4.48 -13.79
N LEU B 195 26.09 3.39 -13.07
CA LEU B 195 26.65 3.29 -11.74
C LEU B 195 28.07 2.72 -11.86
N GLY B 196 28.44 2.29 -13.06
CA GLY B 196 29.76 1.74 -13.26
C GLY B 196 30.02 0.47 -12.45
N LYS B 197 28.99 -0.33 -12.24
CA LYS B 197 29.15 -1.57 -11.48
C LYS B 197 28.26 -2.67 -12.05
N PRO B 198 28.60 -3.93 -11.78
CA PRO B 198 27.79 -5.06 -12.28
C PRO B 198 26.38 -4.96 -11.72
N ALA B 199 25.38 -5.27 -12.53
CA ALA B 199 24.02 -5.21 -12.05
C ALA B 199 23.88 -5.99 -10.76
N GLU B 200 24.67 -7.07 -10.62
CA GLU B 200 24.61 -7.92 -9.44
C GLU B 200 24.86 -7.18 -8.13
N GLU B 201 25.70 -6.15 -8.16
CA GLU B 201 26.01 -5.40 -6.94
C GLU B 201 25.35 -4.01 -6.91
N THR B 202 24.10 -3.92 -7.36
CA THR B 202 23.38 -2.64 -7.40
C THR B 202 21.97 -2.75 -6.88
N LYS B 203 21.55 -1.74 -6.10
CA LYS B 203 20.20 -1.69 -5.55
C LYS B 203 19.51 -0.46 -6.12
N ILE B 204 18.64 -0.68 -7.11
CA ILE B 204 17.95 0.42 -7.78
C ILE B 204 16.45 0.43 -7.63
N ILE B 205 15.86 1.63 -7.56
CA ILE B 205 14.41 1.79 -7.45
C ILE B 205 13.96 2.34 -8.80
N THR B 206 13.23 1.54 -9.56
CA THR B 206 12.79 2.00 -10.88
C THR B 206 11.37 2.59 -10.86
N CYS B 207 11.22 3.78 -11.45
CA CYS B 207 9.91 4.48 -11.50
C CYS B 207 9.35 4.67 -12.90
N HIS B 208 8.27 3.96 -13.24
CA HIS B 208 7.60 4.07 -14.54
C HIS B 208 6.41 5.00 -14.36
N LEU B 209 6.53 6.24 -14.84
CA LEU B 209 5.46 7.20 -14.68
C LEU B 209 4.78 7.60 -16.00
N GLY B 210 3.61 7.00 -16.24
CA GLY B 210 2.86 7.28 -17.45
C GLY B 210 1.39 7.48 -17.17
N ASN B 211 0.52 6.96 -18.03
CA ASN B 211 -0.91 7.12 -17.76
C ASN B 211 -1.22 6.15 -16.62
N GLY B 212 -0.39 5.12 -16.56
CA GLY B 212 -0.46 4.12 -15.51
C GLY B 212 0.97 4.12 -15.01
N SER B 213 1.17 4.38 -13.73
CA SER B 213 2.51 4.41 -13.18
C SER B 213 2.75 3.23 -12.26
N SER B 214 4.02 2.85 -12.10
CA SER B 214 4.43 1.70 -11.27
C SER B 214 5.86 1.85 -10.73
N ILE B 215 6.08 1.52 -9.47
CA ILE B 215 7.44 1.57 -8.89
C ILE B 215 7.90 0.14 -8.62
N THR B 216 9.20 -0.11 -8.76
CA THR B 216 9.77 -1.42 -8.52
C THR B 216 11.11 -1.32 -7.79
N ALA B 217 11.33 -2.27 -6.87
CA ALA B 217 12.55 -2.35 -6.08
C ALA B 217 13.48 -3.38 -6.74
N VAL B 218 14.59 -2.94 -7.32
CA VAL B 218 15.52 -3.86 -8.03
C VAL B 218 16.82 -4.18 -7.28
N GLU B 219 16.85 -5.34 -6.65
CA GLU B 219 18.01 -5.77 -5.89
C GLU B 219 18.87 -6.79 -6.65
N GLY B 220 20.15 -6.49 -6.80
CA GLY B 220 21.03 -7.40 -7.52
C GLY B 220 20.46 -7.73 -8.87
N GLY B 221 19.84 -6.73 -9.50
CA GLY B 221 19.27 -6.94 -10.81
C GLY B 221 18.01 -7.79 -10.91
N LYS B 222 17.31 -7.98 -9.80
CA LYS B 222 16.06 -8.75 -9.82
C LYS B 222 14.96 -8.01 -9.08
N SER B 223 13.74 -8.11 -9.58
CA SER B 223 12.60 -7.46 -8.95
C SER B 223 12.33 -8.23 -7.67
N VAL B 224 12.29 -7.48 -6.57
CA VAL B 224 12.08 -8.00 -5.24
C VAL B 224 10.76 -7.45 -4.69
N GLU B 225 10.29 -6.35 -5.29
CA GLU B 225 9.05 -5.69 -4.87
C GLU B 225 8.51 -4.81 -6.01
N THR B 226 7.20 -4.63 -6.08
CA THR B 226 6.65 -3.80 -7.14
C THR B 226 5.32 -3.17 -6.66
N SER B 227 5.04 -1.93 -7.08
CA SER B 227 3.84 -1.22 -6.63
C SER B 227 2.47 -1.77 -7.03
N MET B 228 2.40 -2.40 -8.20
CA MET B 228 1.15 -2.97 -8.66
C MET B 228 1.04 -4.41 -8.15
N GLY B 229 -0.16 -4.97 -8.25
CA GLY B 229 -0.34 -6.32 -7.75
C GLY B 229 -1.15 -7.24 -8.62
N PHE B 230 -2.23 -7.76 -8.06
CA PHE B 230 -3.11 -8.67 -8.79
C PHE B 230 -3.42 -8.04 -10.15
N THR B 231 -3.81 -6.76 -10.11
CA THR B 231 -4.13 -6.02 -11.30
C THR B 231 -3.35 -4.68 -11.23
N PRO B 232 -3.33 -3.92 -12.37
CA PRO B 232 -2.63 -2.64 -12.45
C PRO B 232 -3.25 -1.57 -11.55
N LEU B 233 -4.35 -1.90 -10.89
CA LEU B 233 -4.99 -0.90 -10.05
C LEU B 233 -4.23 -0.63 -8.77
N GLU B 234 -3.57 -1.63 -8.24
CA GLU B 234 -2.83 -1.45 -7.01
C GLU B 234 -1.59 -0.59 -7.16
N GLY B 235 -1.38 0.33 -6.22
CA GLY B 235 -0.19 1.16 -6.30
C GLY B 235 -0.38 2.66 -6.24
N LEU B 236 0.30 3.36 -7.13
CA LEU B 236 0.26 4.82 -7.18
C LEU B 236 -1.07 5.34 -7.77
N ALA B 237 -1.39 6.59 -7.48
CA ALA B 237 -2.58 7.18 -8.05
C ALA B 237 -2.00 7.52 -9.41
N MET B 238 -2.79 7.32 -10.46
CA MET B 238 -2.30 7.62 -11.79
C MET B 238 -3.33 8.35 -12.64
N GLY B 239 -3.16 8.34 -13.96
CA GLY B 239 -4.09 9.03 -14.85
C GLY B 239 -5.55 8.94 -14.48
N THR B 240 -6.05 7.71 -14.35
CA THR B 240 -7.44 7.52 -13.98
C THR B 240 -7.63 6.42 -12.95
N ARG B 241 -6.53 5.82 -12.50
CA ARG B 241 -6.61 4.78 -11.48
C ARG B 241 -6.48 5.36 -10.07
N CYS B 242 -7.26 4.81 -9.14
CA CYS B 242 -7.26 5.26 -7.75
C CYS B 242 -6.04 4.84 -6.95
N GLY B 243 -5.59 3.62 -7.22
CA GLY B 243 -4.43 3.11 -6.51
C GLY B 243 -4.85 2.39 -5.24
N SER B 244 -3.92 2.23 -4.31
CA SER B 244 -4.24 1.55 -3.06
C SER B 244 -4.99 2.40 -2.04
N ILE B 245 -6.32 2.34 -2.11
CA ILE B 245 -7.16 3.08 -1.17
C ILE B 245 -7.62 2.07 -0.11
N ASP B 246 -8.52 2.48 0.77
CA ASP B 246 -9.01 1.57 1.79
C ASP B 246 -9.99 0.57 1.18
N PRO B 247 -9.60 -0.72 1.13
CA PRO B 247 -10.46 -1.75 0.55
C PRO B 247 -11.95 -1.62 0.92
N ALA B 248 -12.22 -1.26 2.17
CA ALA B 248 -13.58 -1.10 2.67
C ALA B 248 -14.36 -0.05 1.89
N ILE B 249 -13.65 0.90 1.34
CA ILE B 249 -14.32 1.92 0.57
C ILE B 249 -15.01 1.26 -0.63
N VAL B 250 -14.39 0.22 -1.20
CA VAL B 250 -14.99 -0.43 -2.37
C VAL B 250 -16.45 -0.85 -2.13
N PRO B 251 -16.69 -1.76 -1.18
CA PRO B 251 -18.07 -2.18 -0.92
C PRO B 251 -18.96 -1.03 -0.43
N PHE B 252 -18.37 -0.09 0.32
CA PHE B 252 -19.08 1.07 0.84
C PHE B 252 -19.80 1.82 -0.27
N LEU B 253 -19.03 2.20 -1.27
CA LEU B 253 -19.53 2.91 -2.43
C LEU B 253 -20.59 2.07 -3.13
N MET B 254 -20.29 0.81 -3.37
CA MET B 254 -21.24 -0.05 -4.04
C MET B 254 -22.63 -0.03 -3.42
N GLU B 255 -22.70 0.12 -2.10
CA GLU B 255 -23.98 0.13 -1.43
C GLU B 255 -24.59 1.52 -1.43
N LYS B 256 -23.77 2.51 -1.12
CA LYS B 256 -24.24 3.88 -1.03
C LYS B 256 -24.64 4.44 -2.39
N GLU B 257 -24.13 3.84 -3.47
CA GLU B 257 -24.40 4.27 -4.84
C GLU B 257 -25.12 3.23 -5.66
N GLY B 258 -25.57 2.15 -5.02
CA GLY B 258 -26.24 1.08 -5.74
C GLY B 258 -25.48 0.73 -7.02
N LEU B 259 -24.25 0.25 -6.87
CA LEU B 259 -23.42 -0.10 -8.01
C LEU B 259 -23.27 -1.60 -8.17
N THR B 260 -22.66 -2.00 -9.28
CA THR B 260 -22.45 -3.41 -9.56
C THR B 260 -20.98 -3.66 -9.49
N THR B 261 -20.63 -4.94 -9.57
CA THR B 261 -19.23 -5.32 -9.55
C THR B 261 -18.51 -4.64 -10.72
N ARG B 262 -19.15 -4.56 -11.88
CA ARG B 262 -18.50 -3.93 -13.02
C ARG B 262 -18.50 -2.41 -12.91
N GLU B 263 -19.51 -1.83 -12.27
CA GLU B 263 -19.56 -0.38 -12.14
C GLU B 263 -18.47 0.16 -11.21
N ILE B 264 -18.24 -0.53 -10.11
CA ILE B 264 -17.23 -0.10 -9.16
C ILE B 264 -15.83 -0.23 -9.78
N ASP B 265 -15.62 -1.31 -10.53
CA ASP B 265 -14.34 -1.53 -11.17
C ASP B 265 -14.06 -0.44 -12.20
N THR B 266 -15.07 -0.04 -12.96
CA THR B 266 -14.86 1.00 -13.95
C THR B 266 -14.48 2.32 -13.31
N LEU B 267 -15.19 2.63 -12.23
CA LEU B 267 -14.95 3.87 -11.51
C LEU B 267 -13.53 3.96 -10.93
N MET B 268 -12.98 2.83 -10.48
CA MET B 268 -11.64 2.85 -9.91
C MET B 268 -10.52 2.92 -10.94
N ASN B 269 -10.75 2.31 -12.10
CA ASN B 269 -9.77 2.27 -13.19
C ASN B 269 -9.94 3.37 -14.25
N LYS B 270 -11.15 3.88 -14.43
CA LYS B 270 -11.41 4.91 -15.44
C LYS B 270 -11.83 6.28 -14.90
N LYS B 271 -12.68 6.31 -13.88
CA LYS B 271 -13.18 7.57 -13.33
C LYS B 271 -12.39 8.12 -12.15
N SER B 272 -11.23 7.53 -11.85
CA SER B 272 -10.43 8.00 -10.74
C SER B 272 -9.14 8.68 -11.13
N GLY B 273 -8.11 8.47 -10.32
CA GLY B 273 -6.80 9.05 -10.57
C GLY B 273 -6.86 10.56 -10.54
N VAL B 274 -5.97 11.21 -11.28
CA VAL B 274 -5.93 12.67 -11.37
C VAL B 274 -7.18 13.17 -12.13
N LEU B 275 -7.73 12.32 -13.00
CA LEU B 275 -8.92 12.70 -13.73
C LEU B 275 -10.07 12.99 -12.78
N GLY B 276 -10.28 12.06 -11.85
CA GLY B 276 -11.33 12.23 -10.88
C GLY B 276 -11.04 13.23 -9.79
N VAL B 277 -9.77 13.53 -9.51
CA VAL B 277 -9.52 14.49 -8.46
C VAL B 277 -9.56 15.91 -8.99
N SER B 278 -8.85 16.16 -10.09
CA SER B 278 -8.82 17.49 -10.71
C SER B 278 -10.18 17.82 -11.32
N GLY B 279 -10.80 16.79 -11.87
CA GLY B 279 -12.08 16.97 -12.51
C GLY B 279 -11.86 17.59 -13.88
N LEU B 280 -10.60 17.81 -14.25
CA LEU B 280 -10.32 18.41 -15.53
C LEU B 280 -9.81 17.44 -16.59
N SER B 281 -8.68 16.79 -16.31
CA SER B 281 -8.09 15.88 -17.26
C SER B 281 -7.24 14.82 -16.62
N ASN B 282 -6.95 13.79 -17.39
CA ASN B 282 -6.10 12.69 -16.95
C ASN B 282 -4.68 13.00 -17.44
N ASP B 283 -4.59 13.76 -18.53
CA ASP B 283 -3.30 14.14 -19.09
C ASP B 283 -2.60 15.10 -18.14
N PHE B 284 -1.32 14.85 -17.86
CA PHE B 284 -0.56 15.70 -16.94
C PHE B 284 -0.10 17.05 -17.48
N ARG B 285 0.37 17.10 -18.72
CA ARG B 285 0.83 18.36 -19.26
C ARG B 285 -0.30 19.40 -19.08
N ASP B 286 -1.55 18.95 -19.21
CA ASP B 286 -2.71 19.81 -19.04
C ASP B 286 -2.91 20.22 -17.58
N LEU B 287 -2.89 19.24 -16.68
CA LEU B 287 -3.06 19.50 -15.26
C LEU B 287 -1.99 20.45 -14.73
N ASP B 288 -0.78 20.32 -15.28
CA ASP B 288 0.36 21.14 -14.87
C ASP B 288 0.08 22.62 -15.14
N GLU B 289 -0.45 22.91 -16.32
CA GLU B 289 -0.77 24.29 -16.69
C GLU B 289 -1.94 24.80 -15.84
N ALA B 290 -3.00 24.01 -15.80
CA ALA B 290 -4.21 24.34 -15.04
C ALA B 290 -3.83 24.69 -13.62
N ALA B 291 -2.87 23.93 -13.10
CA ALA B 291 -2.39 24.08 -11.74
C ALA B 291 -1.75 25.43 -11.54
N SER B 292 -0.80 25.74 -12.40
CA SER B 292 -0.08 26.99 -12.34
C SER B 292 -1.01 28.16 -12.63
N LYS B 293 -2.18 27.87 -13.18
CA LYS B 293 -3.15 28.92 -13.49
C LYS B 293 -4.07 29.16 -12.33
N GLY B 294 -3.76 28.52 -11.20
CA GLY B 294 -4.55 28.70 -10.01
C GLY B 294 -5.65 27.70 -9.77
N ASN B 295 -5.69 26.64 -10.57
CA ASN B 295 -6.71 25.62 -10.41
C ASN B 295 -6.47 24.74 -9.20
N ARG B 296 -7.27 24.92 -8.15
CA ARG B 296 -7.15 24.14 -6.92
C ARG B 296 -7.14 22.63 -7.23
N LYS B 297 -8.24 22.12 -7.78
CA LYS B 297 -8.36 20.71 -8.13
C LYS B 297 -7.08 20.18 -8.79
N ALA B 298 -6.74 20.68 -9.97
CA ALA B 298 -5.53 20.20 -10.64
C ALA B 298 -4.34 20.19 -9.68
N GLU B 299 -4.08 21.34 -9.07
CA GLU B 299 -2.97 21.44 -8.13
C GLU B 299 -3.03 20.30 -7.11
N LEU B 300 -4.15 20.16 -6.41
CA LEU B 300 -4.29 19.08 -5.43
C LEU B 300 -3.92 17.74 -6.05
N ALA B 301 -4.52 17.43 -7.20
CA ALA B 301 -4.26 16.17 -7.87
C ALA B 301 -2.76 15.89 -8.08
N LEU B 302 -2.00 16.93 -8.43
CA LEU B 302 -0.58 16.77 -8.65
C LEU B 302 0.16 16.54 -7.34
N GLU B 303 -0.37 17.06 -6.24
CA GLU B 303 0.27 16.89 -4.96
C GLU B 303 0.13 15.48 -4.46
N ILE B 304 -1.04 14.89 -4.72
CA ILE B 304 -1.30 13.51 -4.33
C ILE B 304 -0.36 12.60 -5.10
N PHE B 305 -0.34 12.80 -6.41
CA PHE B 305 0.50 12.01 -7.29
C PHE B 305 1.97 12.02 -6.88
N ALA B 306 2.57 13.20 -6.78
CA ALA B 306 3.97 13.29 -6.40
C ALA B 306 4.20 12.69 -5.02
N TYR B 307 3.33 13.03 -4.08
CA TYR B 307 3.42 12.53 -2.71
C TYR B 307 3.45 11.02 -2.66
N LYS B 308 2.59 10.37 -3.42
CA LYS B 308 2.57 8.92 -3.39
C LYS B 308 3.84 8.33 -3.96
N VAL B 309 4.38 8.93 -5.01
CA VAL B 309 5.60 8.41 -5.56
C VAL B 309 6.71 8.57 -4.55
N LYS B 310 6.73 9.73 -3.90
CA LYS B 310 7.72 10.00 -2.86
C LYS B 310 7.61 8.91 -1.80
N LYS B 311 6.41 8.72 -1.23
CA LYS B 311 6.22 7.70 -0.21
C LYS B 311 6.78 6.34 -0.65
N PHE B 312 6.67 6.02 -1.93
CA PHE B 312 7.18 4.75 -2.44
C PHE B 312 8.69 4.66 -2.50
N ILE B 313 9.34 5.77 -2.84
CA ILE B 313 10.79 5.81 -2.89
C ILE B 313 11.28 5.43 -1.49
N GLY B 314 10.56 5.88 -0.47
CA GLY B 314 10.93 5.59 0.90
C GLY B 314 10.64 4.15 1.29
N GLU B 315 9.44 3.70 0.93
CA GLU B 315 9.01 2.34 1.20
C GLU B 315 10.01 1.36 0.58
N TYR B 316 10.49 1.61 -0.64
CA TYR B 316 11.42 0.67 -1.24
C TYR B 316 12.83 0.89 -0.75
N SER B 317 13.01 2.00 -0.05
CA SER B 317 14.33 2.30 0.47
C SER B 317 14.60 1.33 1.63
N ALA B 318 13.53 0.96 2.33
CA ALA B 318 13.60 0.03 3.43
C ALA B 318 13.72 -1.38 2.84
N VAL B 319 12.81 -1.69 1.94
CA VAL B 319 12.80 -2.98 1.29
C VAL B 319 14.19 -3.39 0.75
N LEU B 320 14.99 -2.41 0.33
CA LEU B 320 16.32 -2.69 -0.20
C LEU B 320 17.45 -2.28 0.76
N ASN B 321 17.10 -1.94 2.00
CA ASN B 321 18.09 -1.53 2.99
C ASN B 321 19.12 -0.61 2.34
N GLY B 322 18.66 0.54 1.87
CA GLY B 322 19.56 1.47 1.21
C GLY B 322 19.43 1.32 -0.28
N ALA B 323 19.29 2.44 -0.99
CA ALA B 323 19.14 2.38 -2.44
C ALA B 323 20.31 3.15 -3.09
N ASP B 324 20.96 2.57 -4.10
CA ASP B 324 22.08 3.25 -4.77
C ASP B 324 21.62 4.32 -5.74
N ALA B 325 20.50 4.09 -6.42
CA ALA B 325 20.00 5.08 -7.36
C ALA B 325 18.49 4.95 -7.55
N VAL B 326 17.88 6.02 -8.04
CA VAL B 326 16.45 6.08 -8.34
C VAL B 326 16.36 6.47 -9.82
N VAL B 327 15.49 5.79 -10.55
CA VAL B 327 15.35 6.05 -11.97
C VAL B 327 13.93 6.47 -12.28
N PHE B 328 13.80 7.48 -13.14
CA PHE B 328 12.52 8.02 -13.56
C PHE B 328 12.42 7.86 -15.07
N THR B 329 11.37 7.18 -15.53
CA THR B 329 11.16 6.96 -16.95
C THR B 329 9.67 7.08 -17.28
N ALA B 330 9.36 6.78 -18.54
CA ALA B 330 8.02 6.87 -19.11
C ALA B 330 7.68 8.32 -19.38
N GLY B 331 6.51 8.56 -19.95
CA GLY B 331 6.08 9.90 -20.28
C GLY B 331 6.30 11.00 -19.26
N ILE B 332 5.84 10.78 -18.05
CA ILE B 332 5.97 11.78 -17.00
C ILE B 332 7.41 11.86 -16.51
N GLY B 333 7.96 10.71 -16.18
CA GLY B 333 9.32 10.66 -15.68
C GLY B 333 10.38 11.17 -16.64
N GLU B 334 10.07 11.20 -17.92
CA GLU B 334 11.06 11.66 -18.87
C GLU B 334 10.97 13.13 -19.28
N ASN B 335 9.76 13.65 -19.41
CA ASN B 335 9.58 15.02 -19.87
C ASN B 335 9.13 16.02 -18.84
N SER B 336 8.78 15.57 -17.65
CA SER B 336 8.31 16.53 -16.67
C SER B 336 9.22 16.86 -15.51
N ALA B 337 10.11 17.83 -15.70
CA ALA B 337 11.03 18.25 -14.63
C ALA B 337 10.19 18.83 -13.50
N SER B 338 8.99 19.25 -13.86
CA SER B 338 8.03 19.82 -12.94
C SER B 338 7.62 18.82 -11.88
N ILE B 339 7.12 17.67 -12.32
CA ILE B 339 6.67 16.67 -11.37
C ILE B 339 7.85 15.98 -10.68
N ARG B 340 8.97 15.87 -11.38
CA ARG B 340 10.16 15.26 -10.80
C ARG B 340 10.58 16.03 -9.56
N LYS B 341 10.48 17.35 -9.61
CA LYS B 341 10.84 18.21 -8.48
C LYS B 341 9.87 18.01 -7.32
N ARG B 342 8.57 18.01 -7.64
CA ARG B 342 7.52 17.83 -6.63
C ARG B 342 7.86 16.56 -5.86
N ILE B 343 8.21 15.53 -6.63
CA ILE B 343 8.51 14.23 -6.07
C ILE B 343 9.78 14.17 -5.25
N LEU B 344 10.88 14.63 -5.83
CA LEU B 344 12.19 14.56 -5.20
C LEU B 344 12.51 15.59 -4.14
N THR B 345 11.75 16.66 -4.08
CA THR B 345 12.03 17.68 -3.09
C THR B 345 11.68 17.18 -1.69
N GLY B 346 12.50 17.56 -0.71
CA GLY B 346 12.27 17.17 0.66
C GLY B 346 12.62 15.72 0.98
N LEU B 347 13.72 15.22 0.42
CA LEU B 347 14.18 13.85 0.63
C LEU B 347 15.69 13.78 0.87
N ASP B 348 16.25 14.92 1.23
CA ASP B 348 17.67 14.98 1.49
C ASP B 348 17.95 14.15 2.74
N GLY B 349 16.94 14.02 3.60
CA GLY B 349 17.07 13.22 4.80
C GLY B 349 17.37 11.76 4.49
N ILE B 350 16.97 11.28 3.30
CA ILE B 350 17.26 9.89 2.92
C ILE B 350 18.31 9.82 1.81
N GLY B 351 19.09 10.87 1.70
CA GLY B 351 20.15 10.92 0.71
C GLY B 351 19.76 11.35 -0.69
N ILE B 352 18.57 11.94 -0.85
CA ILE B 352 18.14 12.38 -2.18
C ILE B 352 18.30 13.89 -2.36
N LYS B 353 18.91 14.30 -3.46
CA LYS B 353 19.13 15.71 -3.79
C LYS B 353 19.22 15.80 -5.30
N ILE B 354 18.66 16.85 -5.90
CA ILE B 354 18.73 17.00 -7.36
C ILE B 354 19.25 18.38 -7.82
N ASP B 355 20.01 18.38 -8.91
CA ASP B 355 20.55 19.63 -9.43
C ASP B 355 19.50 20.27 -10.35
N ASP B 356 18.78 21.25 -9.82
CA ASP B 356 17.74 21.93 -10.57
C ASP B 356 18.08 22.19 -12.03
N GLU B 357 19.36 22.39 -12.32
CA GLU B 357 19.73 22.64 -13.69
C GLU B 357 19.68 21.39 -14.54
N LYS B 358 20.36 20.34 -14.08
CA LYS B 358 20.36 19.12 -14.86
C LYS B 358 18.92 18.65 -14.98
N ASN B 359 18.11 18.97 -13.97
CA ASN B 359 16.73 18.55 -14.00
C ASN B 359 15.91 19.20 -15.12
N LYS B 360 16.33 20.37 -15.57
CA LYS B 360 15.65 21.10 -16.65
C LYS B 360 15.78 20.34 -17.98
N ILE B 361 16.93 19.68 -18.17
CA ILE B 361 17.20 18.92 -19.39
C ILE B 361 16.04 17.97 -19.68
N ARG B 362 15.64 17.87 -20.94
CA ARG B 362 14.54 16.98 -21.28
C ARG B 362 14.98 15.90 -22.25
N GLY B 363 14.36 14.73 -22.15
CA GLY B 363 14.69 13.63 -23.02
C GLY B 363 16.19 13.43 -23.19
N GLN B 364 16.79 12.71 -22.26
CA GLN B 364 18.22 12.44 -22.32
C GLN B 364 18.64 11.70 -21.06
N GLU B 365 19.50 10.70 -21.21
CA GLU B 365 19.97 9.93 -20.07
C GLU B 365 20.91 10.82 -19.28
N ILE B 366 20.42 11.37 -18.19
CA ILE B 366 21.26 12.24 -17.39
C ILE B 366 21.09 11.91 -15.92
N ASP B 367 22.11 12.23 -15.14
CA ASP B 367 22.11 12.01 -13.70
C ASP B 367 21.73 13.33 -13.07
N ILE B 368 20.44 13.59 -12.89
CA ILE B 368 20.00 14.86 -12.32
C ILE B 368 20.22 15.06 -10.83
N SER B 369 21.09 14.27 -10.22
CA SER B 369 21.32 14.44 -8.81
C SER B 369 22.47 15.41 -8.58
N THR B 370 22.61 15.89 -7.36
CA THR B 370 23.70 16.79 -7.02
C THR B 370 24.91 15.90 -6.82
N PRO B 371 26.13 16.47 -6.89
CA PRO B 371 27.34 15.68 -6.70
C PRO B 371 27.60 15.25 -5.25
N ASP B 372 26.86 15.84 -4.30
CA ASP B 372 27.03 15.47 -2.88
C ASP B 372 25.95 14.51 -2.41
N ALA B 373 24.97 14.26 -3.28
CA ALA B 373 23.86 13.36 -2.97
C ALA B 373 24.32 11.93 -2.75
N LYS B 374 23.91 11.37 -1.63
CA LYS B 374 24.27 9.99 -1.27
C LYS B 374 23.66 9.04 -2.32
N VAL B 375 22.45 9.35 -2.78
CA VAL B 375 21.76 8.54 -3.77
C VAL B 375 21.70 9.25 -5.13
N ARG B 376 22.08 8.54 -6.18
CA ARG B 376 22.05 9.07 -7.55
C ARG B 376 20.62 9.00 -8.07
N VAL B 377 20.24 9.95 -8.91
CA VAL B 377 18.90 9.96 -9.48
C VAL B 377 18.97 10.11 -10.99
N PHE B 378 18.81 9.00 -11.69
CA PHE B 378 18.91 9.02 -13.14
C PHE B 378 17.58 9.17 -13.84
N VAL B 379 17.64 9.75 -15.03
CA VAL B 379 16.46 9.92 -15.86
C VAL B 379 16.76 9.17 -17.15
N ILE B 380 16.20 7.96 -17.25
CA ILE B 380 16.44 7.11 -18.39
C ILE B 380 15.20 6.83 -19.21
N PRO B 381 15.22 7.19 -20.50
CA PRO B 381 14.10 6.98 -21.43
C PRO B 381 13.92 5.48 -21.73
N THR B 382 12.69 5.00 -21.77
CA THR B 382 12.44 3.59 -22.05
C THR B 382 12.26 3.35 -23.56
N ASN B 383 12.96 2.36 -24.11
CA ASN B 383 12.81 2.05 -25.52
C ASN B 383 12.17 0.67 -25.54
N GLU B 384 10.84 0.64 -25.56
CA GLU B 384 10.11 -0.62 -25.52
C GLU B 384 10.47 -1.64 -26.58
N GLU B 385 10.38 -1.25 -27.84
CA GLU B 385 10.69 -2.16 -28.93
C GLU B 385 12.07 -2.74 -28.75
N LEU B 386 13.01 -1.92 -28.28
CA LEU B 386 14.37 -2.38 -28.09
C LEU B 386 14.50 -3.38 -26.94
N ALA B 387 13.66 -3.19 -25.92
CA ALA B 387 13.61 -4.05 -24.75
C ALA B 387 13.06 -5.43 -25.19
N ILE B 388 11.99 -5.42 -25.99
CA ILE B 388 11.36 -6.66 -26.49
C ILE B 388 12.36 -7.38 -27.40
N ALA B 389 13.22 -6.59 -28.05
CA ALA B 389 14.22 -7.12 -28.95
C ALA B 389 15.31 -7.81 -28.12
N ARG B 390 15.82 -7.14 -27.10
CA ARG B 390 16.85 -7.75 -26.26
C ARG B 390 16.36 -9.08 -25.69
N GLU B 391 15.13 -9.10 -25.19
CA GLU B 391 14.52 -10.31 -24.63
C GLU B 391 14.45 -11.46 -25.62
N THR B 392 13.82 -11.21 -26.76
CA THR B 392 13.68 -12.23 -27.78
C THR B 392 15.05 -12.82 -28.12
N LYS B 393 16.07 -11.96 -28.10
CA LYS B 393 17.43 -12.40 -28.38
C LYS B 393 17.93 -13.33 -27.27
N GLU B 394 17.90 -12.83 -26.02
CA GLU B 394 18.32 -13.61 -24.86
C GLU B 394 17.76 -15.03 -24.92
N ILE B 395 16.48 -15.16 -25.25
CA ILE B 395 15.86 -16.48 -25.33
C ILE B 395 16.44 -17.28 -26.49
N VAL B 396 16.30 -16.76 -27.71
CA VAL B 396 16.82 -17.43 -28.89
C VAL B 396 18.31 -17.76 -28.72
N GLU B 397 19.03 -16.93 -28.00
CA GLU B 397 20.45 -17.16 -27.80
C GLU B 397 20.69 -18.36 -26.90
N THR B 398 20.32 -18.23 -25.62
CA THR B 398 20.49 -19.33 -24.68
C THR B 398 19.87 -20.61 -25.26
S SO4 C . -7.88 -2.56 18.17
O1 SO4 C . -8.37 -3.52 17.14
O2 SO4 C . -6.65 -3.05 18.81
O3 SO4 C . -7.55 -1.27 17.51
O4 SO4 C . -8.94 -2.38 19.20
PB ADP D . -4.49 -5.66 25.01
O1B ADP D . -5.08 -6.99 25.49
O2B ADP D . -5.16 -4.45 25.59
O3B ADP D . -2.95 -5.64 25.20
PA ADP D . -3.66 -5.31 22.16
O1A ADP D . -2.89 -4.05 22.46
O2A ADP D . -4.41 -5.35 20.92
O3A ADP D . -4.66 -5.57 23.43
O5' ADP D . -2.61 -6.55 22.26
C5' ADP D . -3.07 -7.95 22.02
C4' ADP D . -2.10 -8.70 21.10
O4' ADP D . -0.73 -8.30 21.48
C3' ADP D . -1.97 -10.22 21.26
O3' ADP D . -2.98 -10.90 20.50
C2' ADP D . -0.63 -10.47 20.49
O2' ADP D . -0.05 -11.75 20.87
C1' ADP D . 0.23 -9.29 21.08
N9 ADP D . 1.13 -9.65 22.31
C8 ADP D . 0.97 -9.26 23.58
N7 ADP D . 1.86 -9.74 24.38
C5 ADP D . 2.69 -10.54 23.57
C6 ADP D . 3.87 -11.37 23.80
N6 ADP D . 4.47 -11.54 25.04
N1 ADP D . 4.41 -12.03 22.73
C2 ADP D . 3.86 -11.89 21.52
N3 ADP D . 2.76 -11.14 21.22
C4 ADP D . 2.22 -10.50 22.29
PB ADP E . 3.06 6.70 -20.89
O1B ADP E . 2.89 5.17 -20.99
O2B ADP E . 1.89 7.43 -20.32
O3B ADP E . 4.39 7.06 -20.18
PA ADP E . 2.27 7.86 -23.40
O1A ADP E . 1.28 6.76 -23.63
O2A ADP E . 2.98 8.40 -24.58
O3A ADP E . 3.32 7.32 -22.29
O5' ADP E . 1.49 9.03 -22.58
C5' ADP E . 2.23 10.23 -22.23
C4' ADP E . 1.83 10.86 -20.94
O4' ADP E . 3.08 11.30 -20.29
C3' ADP E . 1.01 12.16 -21.03
O3' ADP E . -0.38 11.86 -20.97
C2' ADP E . 1.41 12.90 -19.68
O2' ADP E . 0.66 12.30 -18.59
C1' ADP E . 2.89 12.50 -19.52
N9 ADP E . 3.85 13.61 -20.06
C8 ADP E . 4.63 13.53 -21.12
N7 ADP E . 5.30 14.61 -21.33
C5 ADP E . 4.90 15.48 -20.32
C6 ADP E . 5.24 16.87 -19.95
N6 ADP E . 6.13 17.64 -20.65
N1 ADP E . 4.64 17.40 -18.86
C2 ADP E . 3.77 16.67 -18.16
N3 ADP E . 3.39 15.40 -18.42
C4 ADP E . 3.99 14.87 -19.52
AL AF3 F . -0.44 2.24 -19.28
F1 AF3 F . -0.72 0.97 -17.97
F2 AF3 F . -1.82 2.69 -20.42
F3 AF3 F . 1.22 3.07 -19.43
C ACY G . -2.34 -2.30 -18.52
O ACY G . -2.91 -1.13 -18.53
OXT ACY G . -2.81 -3.40 -18.98
CH3 ACY G . -0.97 -2.29 -17.87
#